data_5I3M
#
_entry.id   5I3M
#
_cell.length_a   63.720
_cell.length_b   63.140
_cell.length_c   78.920
_cell.angle_alpha   90.00
_cell.angle_beta   103.09
_cell.angle_gamma   90.00
#
_symmetry.space_group_name_H-M   'P 1 21 1'
#
loop_
_entity.id
_entity.type
_entity.pdbx_description
1 polymer 'Macrophage metalloelastase'
2 non-polymer '(2S)-2-{[2-({[(2R,3R,4R,5S,6R)-3-(acetylamino)-4,5-dihydroxy-6-(hydroxymethyl)tetrahydro-2H-pyran-2-yl]carbamothioyl}amino)ethyl](biphenyl-4-ylsulfonyl)amino}-3-methylbutanoic acid (non-preferred name)'
3 non-polymer 'ZINC ION'
4 non-polymer 'CALCIUM ION'
5 non-polymer 'DIMETHYL SULFOXIDE'
6 non-polymer S-1,2-PROPANEDIOL
7 non-polymer '1,4-DIETHYLENE DIOXIDE'
8 non-polymer 1,2-ETHANEDIOL
9 water water
#
_entity_poly.entity_id   1
_entity_poly.type   'polypeptide(L)'
_entity_poly.pdbx_seq_one_letter_code
;MGPVWRKHYITYRINNYTPDMNREDVDYAIRKAFQVWSNVTPLKFSKINTGMADILVVFARGAHGDDHAFDGKGGILAHA
FGPGSGIGGDAHFDEDEFWTTHSGGTNLFLTAVHQIGHSLGLGHSSDPKAVMFPTYKYVDINTFRLSADDIRGIQSLYG
;
_entity_poly.pdbx_strand_id   A,B,C,D
#
loop_
_chem_comp.id
_chem_comp.type
_chem_comp.name
_chem_comp.formula
67F non-polymer '(2S)-2-{[2-({[(2R,3R,4R,5S,6R)-3-(acetylamino)-4,5-dihydroxy-6-(hydroxymethyl)tetrahydro-2H-pyran-2-yl]carbamothioyl}amino)ethyl](biphenyl-4-ylsulfonyl)amino}-3-methylbutanoic acid (non-preferred name)' 'C28 H38 N4 O9 S2'
CA non-polymer 'CALCIUM ION' 'Ca 2'
DIO non-polymer '1,4-DIETHYLENE DIOXIDE' 'C4 H8 O2'
DMS non-polymer 'DIMETHYL SULFOXIDE' 'C2 H6 O S'
EDO non-polymer 1,2-ETHANEDIOL 'C2 H6 O2'
PGO non-polymer S-1,2-PROPANEDIOL 'C3 H8 O2'
ZN non-polymer 'ZINC ION' 'Zn 2'
#
# COMPACT_ATOMS: atom_id res chain seq x y z
N PRO A 3 13.91 -26.42 -26.96
CA PRO A 3 14.94 -26.87 -26.05
C PRO A 3 14.39 -27.59 -24.82
N VAL A 4 15.15 -28.59 -24.40
CA VAL A 4 14.81 -29.44 -23.31
C VAL A 4 16.10 -29.55 -22.55
N TRP A 5 16.00 -30.04 -21.32
CA TRP A 5 17.19 -30.31 -20.54
C TRP A 5 17.93 -31.42 -21.27
N ARG A 6 19.25 -31.30 -21.35
N ARG A 6 19.25 -31.30 -21.33
CA ARG A 6 20.12 -32.27 -22.10
CA ARG A 6 20.15 -32.25 -22.07
C ARG A 6 20.80 -33.24 -21.12
C ARG A 6 20.77 -33.30 -21.15
N LYS A 7 20.08 -33.58 -20.07
CA LYS A 7 20.55 -34.44 -19.02
C LYS A 7 19.28 -34.88 -18.36
N HIS A 8 19.31 -36.00 -17.66
CA HIS A 8 18.15 -36.46 -16.90
C HIS A 8 18.28 -36.38 -15.38
N TYR A 9 19.45 -35.99 -14.88
CA TYR A 9 19.63 -35.60 -13.48
C TYR A 9 19.51 -34.08 -13.38
N ILE A 10 18.44 -33.59 -12.77
CA ILE A 10 18.14 -32.17 -12.77
C ILE A 10 17.99 -31.75 -11.29
N THR A 11 18.68 -30.68 -10.88
CA THR A 11 18.71 -30.24 -9.53
C THR A 11 17.75 -29.04 -9.31
N TYR A 12 17.32 -28.86 -8.08
CA TYR A 12 16.44 -27.73 -7.78
C TYR A 12 16.76 -27.26 -6.40
N ARG A 13 16.48 -25.97 -6.14
CA ARG A 13 16.73 -25.38 -4.85
C ARG A 13 15.64 -24.42 -4.51
N ILE A 14 15.23 -24.44 -3.25
CA ILE A 14 14.29 -23.47 -2.75
C ILE A 14 15.17 -22.34 -2.27
N ASN A 15 15.04 -21.23 -2.99
CA ASN A 15 15.77 -20.00 -2.70
C ASN A 15 15.28 -19.35 -1.41
N ASN A 16 13.98 -19.38 -1.18
CA ASN A 16 13.33 -18.75 0.00
C ASN A 16 11.96 -19.33 0.20
N TYR A 17 11.43 -19.10 1.39
CA TYR A 17 10.19 -19.73 1.78
C TYR A 17 9.13 -18.71 1.98
N THR A 18 7.92 -19.08 1.57
CA THR A 18 6.77 -18.26 1.76
C THR A 18 6.37 -18.28 3.24
N PRO A 19 6.02 -17.13 3.84
CA PRO A 19 5.53 -17.22 5.19
C PRO A 19 4.17 -17.88 5.29
N ASP A 20 3.44 -18.06 4.18
CA ASP A 20 2.05 -18.59 4.18
C ASP A 20 1.84 -20.00 4.82
N MET A 21 2.86 -20.85 4.76
CA MET A 21 2.73 -22.26 5.01
C MET A 21 3.89 -22.66 5.87
N ASN A 22 3.80 -23.79 6.55
CA ASN A 22 4.99 -24.29 7.22
C ASN A 22 5.97 -24.74 6.13
N ARG A 23 7.26 -24.56 6.42
CA ARG A 23 8.34 -24.93 5.55
C ARG A 23 8.31 -26.36 5.10
N GLU A 24 7.91 -27.23 6.03
CA GLU A 24 7.82 -28.67 5.84
C GLU A 24 6.80 -28.95 4.72
N ASP A 25 5.72 -28.18 4.75
CA ASP A 25 4.69 -28.30 3.73
C ASP A 25 5.13 -27.75 2.37
N VAL A 26 5.92 -26.67 2.32
CA VAL A 26 6.44 -26.17 1.07
C VAL A 26 7.36 -27.23 0.45
N ASP A 27 8.28 -27.75 1.24
CA ASP A 27 9.19 -28.81 0.81
C ASP A 27 8.45 -29.95 0.24
N TYR A 28 7.43 -30.37 0.94
CA TYR A 28 6.64 -31.52 0.47
C TYR A 28 5.85 -31.23 -0.77
N ALA A 29 5.17 -30.12 -0.84
CA ALA A 29 4.49 -29.84 -2.14
C ALA A 29 5.43 -29.82 -3.38
N ILE A 30 6.64 -29.24 -3.20
CA ILE A 30 7.64 -29.04 -4.28
C ILE A 30 8.26 -30.34 -4.62
N ARG A 31 8.54 -31.14 -3.60
CA ARG A 31 9.13 -32.46 -3.89
C ARG A 31 8.12 -33.32 -4.63
N LYS A 32 6.89 -33.41 -4.14
CA LYS A 32 5.83 -34.14 -4.83
C LYS A 32 5.53 -33.63 -6.24
N ALA A 33 5.58 -32.32 -6.49
CA ALA A 33 5.36 -31.86 -7.85
C ALA A 33 6.44 -32.30 -8.89
N PHE A 34 7.69 -32.42 -8.43
CA PHE A 34 8.77 -33.01 -9.26
C PHE A 34 8.52 -34.48 -9.53
N GLN A 35 7.98 -35.13 -8.52
CA GLN A 35 7.66 -36.53 -8.57
C GLN A 35 6.62 -36.90 -9.61
N VAL A 36 5.57 -36.10 -9.67
CA VAL A 36 4.56 -36.21 -10.72
C VAL A 36 5.30 -36.38 -12.08
N TRP A 37 6.27 -35.50 -12.38
CA TRP A 37 6.98 -35.51 -13.68
C TRP A 37 8.01 -36.63 -13.81
N SER A 38 8.73 -36.95 -12.72
CA SER A 38 9.73 -38.03 -12.74
C SER A 38 9.07 -39.38 -12.81
N ASN A 39 7.83 -39.50 -12.34
CA ASN A 39 7.09 -40.73 -12.46
C ASN A 39 6.69 -41.11 -13.87
N VAL A 40 6.66 -40.20 -14.82
CA VAL A 40 6.29 -40.58 -16.21
C VAL A 40 7.41 -40.27 -17.23
N THR A 41 8.61 -40.03 -16.74
CA THR A 41 9.79 -39.76 -17.60
C THR A 41 11.04 -40.37 -16.98
N PRO A 42 12.16 -40.41 -17.74
CA PRO A 42 13.47 -40.80 -17.13
C PRO A 42 14.17 -39.67 -16.36
N LEU A 43 13.50 -38.56 -16.12
CA LEU A 43 14.03 -37.48 -15.29
C LEU A 43 14.15 -37.81 -13.77
N LYS A 44 15.27 -37.43 -13.18
CA LYS A 44 15.54 -37.61 -11.77
C LYS A 44 15.73 -36.21 -11.20
N PHE A 45 14.96 -35.87 -10.17
CA PHE A 45 15.07 -34.55 -9.55
C PHE A 45 15.68 -34.66 -8.17
N SER A 46 16.65 -33.77 -7.87
CA SER A 46 17.38 -33.80 -6.58
C SER A 46 17.41 -32.42 -6.04
N LYS A 47 16.91 -32.31 -4.79
CA LYS A 47 16.99 -31.11 -4.06
C LYS A 47 18.44 -30.96 -3.53
N ILE A 48 19.04 -29.80 -3.78
CA ILE A 48 20.32 -29.40 -3.22
C ILE A 48 20.11 -28.11 -2.38
N ASN A 49 21.04 -27.86 -1.48
CA ASN A 49 20.95 -26.84 -0.44
C ASN A 49 22.12 -25.92 -0.44
N THR A 50 22.93 -26.04 -1.50
CA THR A 50 24.08 -25.22 -1.73
C THR A 50 24.49 -25.30 -3.20
N GLY A 51 25.18 -24.26 -3.66
CA GLY A 51 25.58 -24.11 -5.05
C GLY A 51 24.42 -23.77 -5.96
N MET A 52 24.69 -23.75 -7.26
CA MET A 52 23.69 -23.38 -8.30
C MET A 52 22.93 -24.61 -8.80
N ALA A 53 21.61 -24.55 -8.64
CA ALA A 53 20.67 -25.57 -9.05
C ALA A 53 20.26 -25.26 -10.47
N ASP A 54 19.78 -26.26 -11.16
CA ASP A 54 19.21 -26.03 -12.50
C ASP A 54 17.91 -25.24 -12.36
N ILE A 55 17.06 -25.70 -11.47
CA ILE A 55 15.77 -25.03 -11.24
C ILE A 55 15.74 -24.31 -9.91
N LEU A 56 15.73 -22.99 -9.93
CA LEU A 56 15.57 -22.22 -8.68
C LEU A 56 14.15 -21.92 -8.45
N VAL A 57 13.69 -22.30 -7.27
CA VAL A 57 12.31 -22.08 -6.81
C VAL A 57 12.32 -20.80 -5.95
N VAL A 58 11.60 -19.75 -6.39
CA VAL A 58 11.54 -18.47 -5.71
C VAL A 58 10.07 -18.07 -5.39
N PHE A 59 9.81 -17.57 -4.19
CA PHE A 59 8.57 -16.81 -3.85
C PHE A 59 8.94 -15.37 -3.80
N ALA A 60 8.23 -14.55 -4.55
CA ALA A 60 8.53 -13.10 -4.63
C ALA A 60 7.29 -12.37 -5.03
N ARG A 61 7.25 -11.07 -4.71
CA ARG A 61 6.13 -10.20 -5.08
C ARG A 61 6.59 -9.05 -5.94
N GLY A 62 5.68 -8.58 -6.78
CA GLY A 62 5.93 -7.47 -7.62
C GLY A 62 7.14 -7.73 -8.50
N ALA A 63 7.93 -6.66 -8.68
CA ALA A 63 9.14 -6.70 -9.47
C ALA A 63 10.19 -7.45 -8.69
N HIS A 64 10.87 -8.37 -9.33
CA HIS A 64 11.88 -9.18 -8.65
C HIS A 64 13.09 -9.49 -9.48
N GLY A 65 13.45 -8.63 -10.42
CA GLY A 65 14.76 -8.74 -11.02
C GLY A 65 14.89 -9.49 -12.34
N ASP A 66 13.79 -10.03 -12.87
CA ASP A 66 13.83 -10.74 -14.17
C ASP A 66 12.97 -10.12 -15.29
N ASP A 67 12.51 -8.87 -15.10
CA ASP A 67 11.72 -8.11 -16.13
C ASP A 67 10.28 -8.66 -16.36
N HIS A 68 9.83 -9.55 -15.49
CA HIS A 68 8.43 -10.00 -15.44
C HIS A 68 7.81 -9.75 -14.07
N ALA A 69 7.53 -8.50 -13.75
CA ALA A 69 7.02 -8.19 -12.37
C ALA A 69 5.70 -8.90 -12.10
N PHE A 70 5.46 -9.34 -10.87
CA PHE A 70 4.14 -9.91 -10.56
C PHE A 70 3.20 -8.74 -10.37
N ASP A 71 1.96 -9.04 -9.99
CA ASP A 71 0.84 -8.13 -10.21
C ASP A 71 -0.12 -8.05 -9.02
N GLY A 72 0.38 -8.31 -7.83
CA GLY A 72 -0.49 -8.34 -6.64
C GLY A 72 -1.36 -9.58 -6.64
N LYS A 73 -2.18 -9.69 -5.62
CA LYS A 73 -3.14 -10.77 -5.51
C LYS A 73 -4.00 -11.00 -6.73
N GLY A 74 -4.22 -12.25 -7.09
CA GLY A 74 -4.99 -12.55 -8.26
C GLY A 74 -4.06 -12.52 -9.51
N GLY A 75 -4.73 -12.52 -10.65
CA GLY A 75 -4.13 -12.52 -11.99
C GLY A 75 -3.09 -13.61 -12.17
N ILE A 76 -1.84 -13.14 -12.28
CA ILE A 76 -0.70 -14.04 -12.51
C ILE A 76 -0.44 -14.63 -11.17
N LEU A 77 -0.35 -15.95 -11.10
CA LEU A 77 -0.06 -16.65 -9.82
C LEU A 77 1.42 -16.97 -9.73
N ALA A 78 2.04 -17.17 -10.90
CA ALA A 78 3.37 -17.73 -10.96
C ALA A 78 3.84 -17.73 -12.38
N HIS A 79 5.11 -18.05 -12.58
CA HIS A 79 5.61 -18.28 -13.90
C HIS A 79 6.93 -18.97 -13.81
N ALA A 80 7.39 -19.52 -14.93
CA ALA A 80 8.60 -20.33 -14.96
C ALA A 80 9.24 -20.22 -16.35
N PHE A 81 10.58 -20.32 -16.41
CA PHE A 81 11.31 -20.13 -17.65
C PHE A 81 11.63 -21.48 -18.25
N GLY A 82 11.65 -21.59 -19.59
CA GLY A 82 12.00 -22.88 -20.25
C GLY A 82 13.44 -23.32 -20.01
N PRO A 83 13.78 -24.59 -20.39
CA PRO A 83 15.14 -25.15 -20.24
C PRO A 83 16.20 -24.17 -20.75
N GLY A 84 17.30 -24.02 -20.03
CA GLY A 84 18.29 -23.00 -20.30
C GLY A 84 19.21 -22.85 -19.10
N SER A 85 20.39 -22.27 -19.32
CA SER A 85 21.25 -21.84 -18.21
C SER A 85 20.71 -20.60 -17.48
N GLY A 86 21.28 -20.31 -16.34
CA GLY A 86 20.91 -19.12 -15.57
C GLY A 86 19.43 -19.15 -15.21
N ILE A 87 18.69 -18.11 -15.59
CA ILE A 87 17.27 -18.01 -15.25
C ILE A 87 16.38 -19.08 -15.88
N GLY A 88 16.86 -19.78 -16.90
CA GLY A 88 16.10 -20.85 -17.46
C GLY A 88 15.82 -21.94 -16.45
N GLY A 89 14.65 -22.52 -16.59
CA GLY A 89 14.13 -23.50 -15.64
C GLY A 89 13.55 -22.85 -14.35
N ASP A 90 13.94 -21.62 -13.97
CA ASP A 90 13.62 -21.14 -12.66
C ASP A 90 12.13 -20.99 -12.58
N ALA A 91 11.54 -21.40 -11.43
CA ALA A 91 10.10 -21.28 -11.19
C ALA A 91 9.80 -20.28 -10.05
N HIS A 92 9.01 -19.28 -10.38
CA HIS A 92 8.72 -18.21 -9.40
C HIS A 92 7.28 -18.16 -9.14
N PHE A 93 6.98 -17.90 -7.86
CA PHE A 93 5.64 -17.90 -7.29
C PHE A 93 5.31 -16.57 -6.57
N ASP A 94 4.16 -16.01 -6.94
CA ASP A 94 3.88 -14.66 -6.59
C ASP A 94 3.47 -14.67 -5.12
N GLU A 95 4.30 -14.08 -4.28
CA GLU A 95 4.15 -14.12 -2.86
C GLU A 95 2.94 -13.35 -2.41
N ASP A 96 2.39 -12.50 -3.27
CA ASP A 96 1.10 -11.84 -2.94
C ASP A 96 -0.09 -12.78 -2.97
N GLU A 97 0.05 -13.99 -3.54
CA GLU A 97 -1.01 -15.03 -3.40
C GLU A 97 -0.91 -15.61 -2.01
N PHE A 98 -1.95 -16.29 -1.61
CA PHE A 98 -1.97 -17.01 -0.36
C PHE A 98 -1.81 -18.51 -0.66
N TRP A 99 -0.63 -19.02 -0.40
CA TRP A 99 -0.28 -20.42 -0.73
C TRP A 99 -0.72 -21.31 0.40
N THR A 100 -1.39 -22.40 0.04
CA THR A 100 -1.95 -23.45 0.91
C THR A 100 -1.58 -24.86 0.49
N THR A 101 -1.64 -25.77 1.46
CA THR A 101 -1.44 -27.20 1.20
C THR A 101 -2.63 -27.76 0.45
N HIS A 102 -3.82 -27.37 0.88
CA HIS A 102 -5.06 -27.78 0.20
C HIS A 102 -5.75 -26.61 -0.51
N SER A 103 -7.07 -26.51 -0.39
CA SER A 103 -7.85 -25.43 -0.99
C SER A 103 -7.90 -24.26 -0.02
N GLY A 104 -8.58 -23.19 -0.42
CA GLY A 104 -8.68 -22.01 0.44
C GLY A 104 -7.62 -20.93 0.24
N GLY A 105 -7.00 -20.93 -0.93
CA GLY A 105 -6.11 -19.84 -1.32
C GLY A 105 -5.66 -20.29 -2.68
N THR A 106 -4.36 -20.32 -2.90
CA THR A 106 -3.86 -20.94 -4.13
C THR A 106 -3.04 -22.14 -3.68
N ASN A 107 -3.33 -23.28 -4.28
CA ASN A 107 -2.63 -24.48 -4.00
C ASN A 107 -1.25 -24.59 -4.58
N LEU A 108 -0.25 -24.71 -3.70
CA LEU A 108 1.13 -24.61 -4.11
C LEU A 108 1.48 -25.81 -4.95
N PHE A 109 1.04 -27.00 -4.51
CA PHE A 109 1.33 -28.24 -5.18
C PHE A 109 0.90 -28.24 -6.64
N LEU A 110 -0.39 -28.02 -6.84
CA LEU A 110 -0.92 -27.88 -8.20
C LEU A 110 -0.21 -26.79 -9.08
N THR A 111 0.00 -25.60 -8.51
CA THR A 111 0.69 -24.59 -9.23
C THR A 111 2.10 -25.00 -9.59
N ALA A 112 2.84 -25.61 -8.63
CA ALA A 112 4.11 -26.10 -8.83
C ALA A 112 4.21 -27.14 -9.91
N VAL A 113 3.26 -28.10 -10.02
CA VAL A 113 3.30 -29.13 -11.09
C VAL A 113 3.27 -28.47 -12.44
N HIS A 114 2.31 -27.57 -12.61
CA HIS A 114 2.20 -26.73 -13.88
C HIS A 114 3.49 -25.97 -14.24
N GLN A 115 3.99 -25.20 -13.29
CA GLN A 115 5.26 -24.43 -13.52
C GLN A 115 6.44 -25.31 -13.87
N ILE A 116 6.53 -26.45 -13.16
CA ILE A 116 7.64 -27.39 -13.37
C ILE A 116 7.54 -27.89 -14.81
N GLY A 117 6.30 -28.05 -15.31
CA GLY A 117 6.02 -28.36 -16.68
C GLY A 117 6.59 -27.36 -17.67
N HIS A 118 6.36 -26.07 -17.41
CA HIS A 118 7.05 -25.04 -18.19
C HIS A 118 8.58 -25.13 -17.94
N SER A 119 9.02 -25.30 -16.69
CA SER A 119 10.44 -25.39 -16.46
C SER A 119 11.10 -26.53 -17.29
N LEU A 120 10.32 -27.57 -17.63
CA LEU A 120 10.84 -28.71 -18.41
C LEU A 120 10.70 -28.51 -19.88
N GLY A 121 10.00 -27.47 -20.28
CA GLY A 121 9.79 -27.13 -21.72
C GLY A 121 8.37 -27.33 -22.23
N LEU A 122 7.40 -27.61 -21.37
CA LEU A 122 6.04 -27.71 -21.84
C LEU A 122 5.37 -26.38 -22.08
N GLY A 123 4.47 -26.47 -23.04
CA GLY A 123 3.55 -25.41 -23.39
C GLY A 123 2.24 -25.86 -22.83
N HIS A 124 1.16 -25.28 -23.31
CA HIS A 124 -0.16 -25.44 -22.70
C HIS A 124 -1.01 -26.50 -23.43
N SER A 125 -2.06 -26.91 -22.76
CA SER A 125 -2.93 -27.96 -23.17
C SER A 125 -4.32 -27.39 -23.28
N SER A 126 -5.05 -27.88 -24.26
CA SER A 126 -6.44 -27.52 -24.42
C SER A 126 -7.39 -28.41 -23.64
N ASP A 127 -6.89 -29.41 -22.92
CA ASP A 127 -7.73 -30.23 -22.02
C ASP A 127 -7.88 -29.57 -20.63
N PRO A 128 -9.13 -29.24 -20.23
CA PRO A 128 -9.33 -28.74 -18.88
C PRO A 128 -9.01 -29.75 -17.77
N LYS A 129 -8.85 -31.03 -18.14
CA LYS A 129 -8.26 -32.06 -17.26
C LYS A 129 -6.73 -32.02 -17.20
N ALA A 130 -6.09 -31.34 -18.13
CA ALA A 130 -4.63 -31.28 -18.13
C ALA A 130 -4.04 -30.42 -17.01
N VAL A 131 -2.95 -30.88 -16.42
CA VAL A 131 -2.26 -30.02 -15.45
C VAL A 131 -1.70 -28.75 -16.15
N MET A 132 -1.30 -28.92 -17.42
CA MET A 132 -0.83 -27.81 -18.29
C MET A 132 -1.95 -26.93 -18.95
N PHE A 133 -3.21 -27.18 -18.60
CA PHE A 133 -4.25 -26.22 -18.89
C PHE A 133 -3.88 -24.86 -18.37
N PRO A 134 -4.14 -23.78 -19.11
CA PRO A 134 -3.64 -22.44 -18.70
C PRO A 134 -4.41 -21.70 -17.56
N THR A 135 -5.43 -22.34 -16.99
CA THR A 135 -6.34 -21.71 -16.03
C THR A 135 -6.12 -22.51 -14.77
N TYR A 136 -6.07 -21.84 -13.60
CA TYR A 136 -5.95 -22.54 -12.33
C TYR A 136 -7.35 -22.80 -11.88
N LYS A 137 -7.57 -24.01 -11.36
N LYS A 137 -7.57 -24.02 -11.40
CA LYS A 137 -8.72 -24.29 -10.51
CA LYS A 137 -8.70 -24.33 -10.53
C LYS A 137 -8.36 -25.45 -9.61
C LYS A 137 -8.28 -25.44 -9.57
N TYR A 138 -8.82 -25.40 -8.36
CA TYR A 138 -8.58 -26.47 -7.42
C TYR A 138 -9.23 -27.76 -7.94
N VAL A 139 -8.43 -28.81 -7.98
CA VAL A 139 -8.89 -30.14 -8.24
C VAL A 139 -8.60 -31.01 -7.00
N ASP A 140 -9.27 -32.14 -6.92
CA ASP A 140 -8.99 -33.05 -5.81
C ASP A 140 -7.58 -33.63 -5.87
N ILE A 141 -6.71 -33.27 -4.91
CA ILE A 141 -5.31 -33.72 -4.92
C ILE A 141 -5.31 -35.20 -4.70
N ASN A 142 -6.24 -35.69 -3.90
CA ASN A 142 -6.32 -37.12 -3.68
C ASN A 142 -6.41 -37.92 -5.01
N THR A 143 -7.16 -37.42 -6.00
CA THR A 143 -7.33 -38.10 -7.31
C THR A 143 -6.50 -37.46 -8.43
N PHE A 144 -5.65 -36.50 -8.08
CA PHE A 144 -4.76 -35.89 -9.03
C PHE A 144 -4.02 -36.91 -9.87
N ARG A 145 -4.05 -36.75 -11.18
CA ARG A 145 -3.12 -37.48 -12.05
C ARG A 145 -2.91 -36.70 -13.34
N LEU A 146 -1.73 -36.80 -13.94
CA LEU A 146 -1.55 -36.16 -15.25
C LEU A 146 -2.58 -36.71 -16.24
N SER A 147 -3.17 -35.86 -17.07
CA SER A 147 -3.98 -36.33 -18.18
C SER A 147 -3.06 -36.89 -19.31
N ALA A 148 -3.66 -37.52 -20.31
CA ALA A 148 -2.91 -38.16 -21.39
C ALA A 148 -2.21 -37.12 -22.24
N ASP A 149 -2.80 -35.93 -22.37
CA ASP A 149 -2.19 -34.80 -23.07
C ASP A 149 -0.83 -34.37 -22.43
N ASP A 150 -0.85 -34.16 -21.11
CA ASP A 150 0.36 -33.95 -20.34
C ASP A 150 1.41 -35.05 -20.59
N ILE A 151 0.99 -36.30 -20.56
CA ILE A 151 1.96 -37.40 -20.60
C ILE A 151 2.64 -37.47 -21.95
N ARG A 152 1.86 -37.34 -23.02
CA ARG A 152 2.41 -37.41 -24.40
C ARG A 152 3.32 -36.20 -24.67
N GLY A 153 2.94 -35.05 -24.12
CA GLY A 153 3.73 -33.86 -24.27
C GLY A 153 5.09 -34.06 -23.64
N ILE A 154 5.09 -34.56 -22.42
CA ILE A 154 6.34 -34.59 -21.68
C ILE A 154 7.22 -35.71 -22.25
N GLN A 155 6.58 -36.81 -22.67
CA GLN A 155 7.29 -37.95 -23.29
C GLN A 155 7.80 -37.65 -24.68
N SER A 156 7.15 -36.78 -25.42
CA SER A 156 7.71 -36.35 -26.64
C SER A 156 8.96 -35.56 -26.34
N LEU A 157 9.05 -34.85 -25.23
CA LEU A 157 10.30 -34.17 -24.86
C LEU A 157 11.44 -35.03 -24.30
N TYR A 158 11.12 -36.05 -23.47
CA TYR A 158 12.09 -36.77 -22.61
C TYR A 158 12.06 -38.31 -22.64
N GLY A 159 10.98 -38.88 -23.20
CA GLY A 159 10.72 -40.30 -23.16
C GLY A 159 11.07 -40.98 -24.47
N PRO B 3 -5.67 -2.53 -1.93
CA PRO B 3 -6.98 -3.21 -1.95
C PRO B 3 -7.19 -4.34 -0.91
N VAL B 4 -6.19 -5.17 -0.67
CA VAL B 4 -6.28 -6.24 0.30
C VAL B 4 -5.05 -6.23 1.21
N TRP B 5 -5.17 -6.83 2.37
CA TRP B 5 -4.00 -7.01 3.24
C TRP B 5 -3.22 -8.12 2.56
N ARG B 6 -1.91 -7.97 2.40
CA ARG B 6 -1.10 -8.96 1.60
C ARG B 6 -0.34 -9.90 2.51
N LYS B 7 -1.05 -10.30 3.54
CA LYS B 7 -0.57 -11.11 4.63
C LYS B 7 -1.82 -11.52 5.36
N HIS B 8 -1.73 -12.65 6.04
CA HIS B 8 -2.89 -13.23 6.69
C HIS B 8 -2.83 -13.20 8.22
N TYR B 9 -1.68 -12.75 8.74
CA TYR B 9 -1.50 -12.39 10.15
C TYR B 9 -1.64 -10.87 10.35
N ILE B 10 -2.75 -10.43 10.93
CA ILE B 10 -3.06 -8.98 11.02
C ILE B 10 -3.22 -8.49 12.47
N THR B 11 -2.48 -7.48 12.85
CA THR B 11 -2.50 -7.00 14.19
C THR B 11 -3.46 -5.80 14.33
N TYR B 12 -4.10 -5.71 15.48
CA TYR B 12 -4.77 -4.50 15.89
C TYR B 12 -4.35 -3.99 17.26
N ARG B 13 -4.63 -2.71 17.48
CA ARG B 13 -4.41 -2.09 18.74
C ARG B 13 -5.55 -1.13 19.14
N ILE B 14 -5.97 -1.21 20.40
CA ILE B 14 -6.88 -0.23 20.94
C ILE B 14 -6.11 0.96 21.35
N ASN B 15 -6.28 2.07 20.62
CA ASN B 15 -5.52 3.33 20.83
C ASN B 15 -5.98 3.95 22.15
N ASN B 16 -7.28 3.85 22.40
CA ASN B 16 -7.93 4.43 23.59
C ASN B 16 -9.33 3.89 23.83
N TYR B 17 -9.83 4.12 25.04
CA TYR B 17 -11.11 3.53 25.45
C TYR B 17 -12.22 4.54 25.62
N THR B 18 -13.41 4.20 25.12
CA THR B 18 -14.56 5.05 25.33
C THR B 18 -14.90 4.97 26.80
N PRO B 19 -15.21 6.13 27.44
CA PRO B 19 -15.66 5.97 28.83
C PRO B 19 -17.06 5.44 28.87
N ASP B 20 -17.73 5.29 27.74
CA ASP B 20 -19.10 4.78 27.73
C ASP B 20 -19.33 3.40 28.37
N MET B 21 -18.31 2.55 28.28
CA MET B 21 -18.41 1.14 28.61
C MET B 21 -17.24 0.83 29.47
N ASN B 22 -17.35 -0.32 30.12
CA ASN B 22 -16.22 -0.86 30.82
C ASN B 22 -15.19 -1.37 29.83
N ARG B 23 -13.95 -1.25 30.23
CA ARG B 23 -12.84 -1.64 29.43
C ARG B 23 -12.90 -3.02 28.87
N GLU B 24 -13.17 -3.97 29.76
CA GLU B 24 -13.43 -5.33 29.41
C GLU B 24 -14.50 -5.45 28.33
N ASP B 25 -15.58 -4.70 28.41
CA ASP B 25 -16.57 -4.82 27.33
C ASP B 25 -16.07 -4.28 25.98
N VAL B 26 -15.12 -3.32 26.00
CA VAL B 26 -14.60 -2.75 24.78
C VAL B 26 -13.75 -3.88 24.15
N ASP B 27 -12.81 -4.43 24.91
CA ASP B 27 -11.96 -5.58 24.46
C ASP B 27 -12.74 -6.73 23.92
N TYR B 28 -13.73 -7.15 24.66
CA TYR B 28 -14.56 -8.23 24.21
C TYR B 28 -15.32 -7.88 22.97
N ALA B 29 -15.83 -6.66 22.86
CA ALA B 29 -16.53 -6.23 21.62
C ALA B 29 -15.67 -6.33 20.34
N ILE B 30 -14.47 -5.84 20.44
CA ILE B 30 -13.60 -5.69 19.31
C ILE B 30 -13.11 -7.10 18.94
N ARG B 31 -12.52 -7.82 19.92
CA ARG B 31 -12.12 -9.17 19.70
C ARG B 31 -13.19 -10.03 18.98
N LYS B 32 -14.40 -10.08 19.52
CA LYS B 32 -15.49 -10.83 18.88
C LYS B 32 -15.77 -10.31 17.45
N ALA B 33 -15.72 -8.99 17.26
CA ALA B 33 -15.89 -8.40 15.91
C ALA B 33 -14.81 -8.92 14.90
N PHE B 34 -13.56 -8.96 15.37
CA PHE B 34 -12.47 -9.56 14.61
C PHE B 34 -12.69 -11.06 14.28
N GLN B 35 -13.26 -11.80 15.24
CA GLN B 35 -13.53 -13.20 15.09
C GLN B 35 -14.58 -13.50 14.04
N VAL B 36 -15.54 -12.62 13.93
CA VAL B 36 -16.61 -12.87 12.99
C VAL B 36 -16.04 -13.12 11.56
N TRP B 37 -15.00 -12.36 11.23
CA TRP B 37 -14.43 -12.34 9.91
C TRP B 37 -13.37 -13.43 9.79
N SER B 38 -12.58 -13.67 10.86
CA SER B 38 -11.66 -14.82 10.88
C SER B 38 -12.44 -16.14 10.88
N ASN B 39 -13.71 -16.19 11.32
CA ASN B 39 -14.45 -17.44 11.27
C ASN B 39 -14.75 -17.85 9.82
N VAL B 40 -14.60 -16.98 8.83
CA VAL B 40 -14.98 -17.29 7.42
C VAL B 40 -13.84 -16.95 6.39
N THR B 41 -12.62 -16.84 6.89
CA THR B 41 -11.45 -16.53 6.06
C THR B 41 -10.24 -17.08 6.77
N PRO B 42 -9.12 -17.22 6.04
CA PRO B 42 -7.83 -17.53 6.70
C PRO B 42 -7.10 -16.37 7.43
N LEU B 43 -7.76 -15.23 7.68
CA LEU B 43 -7.11 -14.15 8.43
C LEU B 43 -7.02 -14.54 9.90
N LYS B 44 -5.92 -14.18 10.53
CA LYS B 44 -5.67 -14.36 11.96
C LYS B 44 -5.38 -12.95 12.47
N PHE B 45 -6.14 -12.54 13.50
CA PHE B 45 -6.00 -11.23 14.14
C PHE B 45 -5.42 -11.41 15.56
N SER B 46 -4.45 -10.56 15.90
CA SER B 46 -3.70 -10.66 17.16
C SER B 46 -3.73 -9.25 17.67
N LYS B 47 -4.25 -9.04 18.87
CA LYS B 47 -4.18 -7.76 19.55
C LYS B 47 -2.80 -7.56 20.09
N ILE B 48 -2.22 -6.38 19.80
CA ILE B 48 -0.95 -5.98 20.44
C ILE B 48 -1.13 -4.75 21.31
N ASN B 49 -0.19 -4.57 22.23
CA ASN B 49 -0.25 -3.57 23.28
C ASN B 49 0.93 -2.60 23.25
N THR B 50 1.82 -2.82 22.30
CA THR B 50 2.89 -1.93 22.03
C THR B 50 3.32 -2.11 20.58
N GLY B 51 3.93 -1.07 20.02
CA GLY B 51 4.27 -0.98 18.59
C GLY B 51 3.11 -0.54 17.67
N MET B 52 3.36 -0.61 16.36
CA MET B 52 2.46 -0.10 15.34
C MET B 52 1.68 -1.34 14.91
N ALA B 53 0.38 -1.28 15.06
CA ALA B 53 -0.56 -2.31 14.70
C ALA B 53 -0.94 -2.05 13.27
N ASP B 54 -1.47 -3.07 12.61
CA ASP B 54 -2.02 -2.89 11.25
C ASP B 54 -3.27 -2.03 11.36
N ILE B 55 -4.21 -2.50 12.18
CA ILE B 55 -5.46 -1.82 12.43
C ILE B 55 -5.46 -1.14 13.80
N LEU B 56 -5.54 0.17 13.78
CA LEU B 56 -5.66 0.95 15.00
C LEU B 56 -7.13 1.31 15.18
N VAL B 57 -7.59 1.12 16.40
CA VAL B 57 -9.00 1.29 16.74
C VAL B 57 -8.99 2.50 17.62
N VAL B 58 -9.74 3.50 17.19
CA VAL B 58 -9.74 4.79 17.90
C VAL B 58 -11.16 5.23 18.23
N PHE B 59 -11.32 5.72 19.46
CA PHE B 59 -12.48 6.57 19.87
C PHE B 59 -12.18 8.07 19.83
N ALA B 60 -12.95 8.86 19.05
CA ALA B 60 -12.70 10.31 18.92
C ALA B 60 -13.90 11.08 18.57
N ARG B 61 -13.89 12.34 18.97
CA ARG B 61 -14.97 13.22 18.65
C ARG B 61 -14.52 14.37 17.73
N GLY B 62 -15.46 14.86 16.91
CA GLY B 62 -15.22 15.91 15.94
C GLY B 62 -14.00 15.63 15.09
N ALA B 63 -13.14 16.63 15.00
CA ALA B 63 -11.97 16.60 14.12
C ALA B 63 -10.91 15.88 14.90
N HIS B 64 -10.30 14.89 14.30
CA HIS B 64 -9.33 14.06 15.06
C HIS B 64 -8.16 13.65 14.25
N GLY B 65 -7.87 14.40 13.20
CA GLY B 65 -6.54 14.44 12.63
C GLY B 65 -6.43 13.69 11.30
N ASP B 66 -7.56 13.29 10.73
CA ASP B 66 -7.50 12.53 9.50
C ASP B 66 -8.26 13.18 8.34
N ASP B 67 -8.70 14.45 8.51
CA ASP B 67 -9.51 15.17 7.52
C ASP B 67 -10.91 14.65 7.31
N HIS B 68 -11.42 13.87 8.25
CA HIS B 68 -12.78 13.39 8.15
C HIS B 68 -13.36 13.57 9.53
N ALA B 69 -13.66 14.81 9.84
CA ALA B 69 -14.35 15.14 11.12
C ALA B 69 -15.71 14.41 11.39
N PHE B 70 -15.87 14.00 12.62
CA PHE B 70 -17.10 13.38 13.06
C PHE B 70 -18.10 14.50 13.32
N ASP B 71 -19.36 14.16 13.56
CA ASP B 71 -20.44 15.13 13.48
C ASP B 71 -21.35 15.30 14.75
N GLY B 72 -20.86 14.99 15.95
CA GLY B 72 -21.68 14.90 17.18
C GLY B 72 -22.59 13.65 17.19
N LYS B 73 -23.53 13.60 18.11
CA LYS B 73 -24.40 12.45 18.24
C LYS B 73 -25.30 12.28 17.03
N GLY B 74 -25.50 11.06 16.58
CA GLY B 74 -26.28 10.84 15.40
C GLY B 74 -25.41 11.02 14.18
N GLY B 75 -26.06 10.79 13.04
CA GLY B 75 -25.43 10.86 11.72
C GLY B 75 -24.34 9.81 11.55
N ILE B 76 -23.12 10.28 11.30
CA ILE B 76 -22.01 9.38 11.07
C ILE B 76 -21.65 8.78 12.45
N LEU B 77 -21.58 7.46 12.53
CA LEU B 77 -21.22 6.77 13.78
C LEU B 77 -19.76 6.35 13.92
N ALA B 78 -19.13 6.03 12.78
CA ALA B 78 -17.81 5.54 12.77
C ALA B 78 -17.43 5.49 11.34
N HIS B 79 -16.12 5.48 11.06
CA HIS B 79 -15.59 5.15 9.70
C HIS B 79 -14.32 4.42 9.84
N ALA B 80 -13.91 3.86 8.72
CA ALA B 80 -12.71 3.10 8.63
C ALA B 80 -12.09 3.23 7.22
N PHE B 81 -10.76 3.11 7.17
CA PHE B 81 -9.96 3.16 5.97
C PHE B 81 -9.60 1.74 5.46
N GLY B 82 -9.56 1.58 4.15
CA GLY B 82 -9.27 0.28 3.51
C GLY B 82 -7.81 -0.16 3.66
N PRO B 83 -7.48 -1.36 3.22
CA PRO B 83 -6.10 -1.86 3.52
C PRO B 83 -5.01 -0.92 2.95
N GLY B 84 -3.90 -0.76 3.66
CA GLY B 84 -2.95 0.32 3.36
C GLY B 84 -1.98 0.45 4.50
N SER B 85 -0.89 1.19 4.31
CA SER B 85 0.02 1.50 5.41
C SER B 85 -0.54 2.66 6.22
N GLY B 86 0.17 3.01 7.29
CA GLY B 86 -0.21 4.15 8.13
C GLY B 86 -1.65 4.06 8.52
N ILE B 87 -2.40 5.12 8.21
CA ILE B 87 -3.83 5.21 8.50
C ILE B 87 -4.68 4.13 7.85
N GLY B 88 -4.18 3.53 6.78
CA GLY B 88 -4.79 2.32 6.22
C GLY B 88 -5.21 1.30 7.30
N GLY B 89 -6.40 0.75 7.12
CA GLY B 89 -6.98 -0.25 8.00
C GLY B 89 -7.70 0.25 9.26
N ASP B 90 -7.54 1.53 9.55
CA ASP B 90 -7.78 2.07 10.89
C ASP B 90 -9.24 2.33 11.01
N ALA B 91 -9.77 2.04 12.17
CA ALA B 91 -11.23 2.08 12.38
C ALA B 91 -11.52 3.08 13.49
N HIS B 92 -12.24 4.14 13.17
CA HIS B 92 -12.48 5.21 14.15
C HIS B 92 -13.92 5.18 14.50
N PHE B 93 -14.19 5.40 15.77
CA PHE B 93 -15.50 5.32 16.30
C PHE B 93 -15.86 6.68 16.97
N ASP B 94 -17.03 7.23 16.61
CA ASP B 94 -17.36 8.58 17.07
C ASP B 94 -17.83 8.55 18.56
N GLU B 95 -17.07 9.22 19.41
CA GLU B 95 -17.28 9.22 20.87
C GLU B 95 -18.55 9.96 21.33
N ASP B 96 -19.02 10.88 20.50
CA ASP B 96 -20.26 11.59 20.78
C ASP B 96 -21.50 10.59 20.71
N GLU B 97 -21.29 9.40 20.15
CA GLU B 97 -22.26 8.32 20.24
C GLU B 97 -22.12 7.69 21.61
N PHE B 98 -23.12 6.98 22.05
CA PHE B 98 -23.04 6.30 23.31
C PHE B 98 -22.87 4.83 22.98
N TRP B 99 -21.69 4.31 23.22
CA TRP B 99 -21.38 2.93 22.84
C TRP B 99 -21.84 1.98 23.95
N THR B 100 -22.61 0.97 23.57
CA THR B 100 -23.13 -0.04 24.46
C THR B 100 -22.83 -1.48 24.04
N THR B 101 -22.92 -2.34 25.04
CA THR B 101 -22.83 -3.78 24.85
C THR B 101 -24.12 -4.40 24.30
N HIS B 102 -25.25 -3.79 24.59
CA HIS B 102 -26.56 -4.28 24.11
C HIS B 102 -27.28 -3.16 23.28
N SER B 103 -28.57 -2.93 23.52
CA SER B 103 -29.44 -2.13 22.63
C SER B 103 -29.63 -0.65 23.02
N GLY B 104 -29.11 -0.25 24.19
CA GLY B 104 -29.11 1.19 24.48
C GLY B 104 -28.13 1.79 23.48
N GLY B 105 -28.21 3.09 23.22
CA GLY B 105 -27.24 3.76 22.35
C GLY B 105 -26.88 3.09 20.98
N THR B 106 -25.60 3.03 20.71
CA THR B 106 -25.05 2.38 19.53
C THR B 106 -24.15 1.21 19.96
N ASN B 107 -24.42 0.05 19.37
CA ASN B 107 -23.83 -1.19 19.77
C ASN B 107 -22.45 -1.28 19.15
N LEU B 108 -21.44 -1.44 19.98
CA LEU B 108 -20.09 -1.29 19.54
C LEU B 108 -19.74 -2.49 18.70
N PHE B 109 -20.21 -3.67 19.14
CA PHE B 109 -19.83 -4.90 18.48
C PHE B 109 -20.31 -4.86 17.04
N LEU B 110 -21.59 -4.52 16.83
CA LEU B 110 -22.18 -4.48 15.48
C LEU B 110 -21.44 -3.45 14.64
N THR B 111 -21.21 -2.27 15.24
CA THR B 111 -20.57 -1.23 14.52
C THR B 111 -19.18 -1.69 14.12
N ALA B 112 -18.49 -2.38 15.00
CA ALA B 112 -17.14 -2.73 14.74
C ALA B 112 -17.00 -3.85 13.71
N VAL B 113 -17.99 -4.74 13.55
CA VAL B 113 -17.93 -5.75 12.49
C VAL B 113 -18.06 -5.04 11.14
N HIS B 114 -19.00 -4.12 11.09
CA HIS B 114 -19.20 -3.37 9.86
C HIS B 114 -17.96 -2.70 9.43
N GLN B 115 -17.38 -1.96 10.39
CA GLN B 115 -16.16 -1.20 10.22
C GLN B 115 -14.95 -2.04 9.91
N ILE B 116 -14.76 -3.19 10.56
CA ILE B 116 -13.65 -4.05 10.27
C ILE B 116 -13.79 -4.56 8.84
N GLY B 117 -14.98 -4.90 8.37
CA GLY B 117 -15.16 -5.20 6.96
C GLY B 117 -14.54 -4.15 6.02
N HIS B 118 -14.80 -2.87 6.31
CA HIS B 118 -14.09 -1.81 5.57
C HIS B 118 -12.58 -1.85 5.69
N SER B 119 -12.10 -2.08 6.91
CA SER B 119 -10.67 -2.23 7.19
C SER B 119 -10.01 -3.35 6.38
N LEU B 120 -10.77 -4.40 6.05
CA LEU B 120 -10.34 -5.52 5.22
C LEU B 120 -10.54 -5.32 3.71
N GLY B 121 -11.18 -4.24 3.30
CA GLY B 121 -11.45 -3.89 1.89
C GLY B 121 -12.88 -4.04 1.34
N LEU B 122 -13.85 -4.32 2.18
CA LEU B 122 -15.20 -4.52 1.70
C LEU B 122 -15.87 -3.18 1.56
N GLY B 123 -16.71 -3.08 0.54
CA GLY B 123 -17.63 -1.96 0.40
C GLY B 123 -18.92 -2.36 1.07
N HIS B 124 -20.03 -1.88 0.53
CA HIS B 124 -21.34 -2.00 1.14
C HIS B 124 -22.17 -3.03 0.41
N SER B 125 -23.21 -3.48 1.09
CA SER B 125 -24.14 -4.48 0.59
C SER B 125 -25.53 -3.91 0.35
N SER B 126 -26.24 -4.42 -0.66
CA SER B 126 -27.68 -4.13 -0.85
C SER B 126 -28.66 -5.00 -0.01
N ASP B 127 -28.11 -5.98 0.70
CA ASP B 127 -28.89 -6.82 1.59
C ASP B 127 -29.04 -6.17 2.98
N PRO B 128 -30.29 -5.78 3.38
CA PRO B 128 -30.47 -5.26 4.76
C PRO B 128 -30.01 -6.21 5.86
N LYS B 129 -29.97 -7.51 5.53
CA LYS B 129 -29.49 -8.54 6.45
C LYS B 129 -27.97 -8.61 6.51
N ALA B 130 -27.26 -8.10 5.51
CA ALA B 130 -25.80 -8.09 5.55
C ALA B 130 -25.27 -7.15 6.63
N VAL B 131 -24.14 -7.50 7.21
CA VAL B 131 -23.53 -6.59 8.18
C VAL B 131 -22.99 -5.33 7.49
N MET B 132 -22.61 -5.48 6.20
CA MET B 132 -22.10 -4.40 5.37
C MET B 132 -23.23 -3.56 4.68
N PHE B 133 -24.48 -3.81 5.05
CA PHE B 133 -25.49 -2.84 4.76
C PHE B 133 -25.06 -1.45 5.28
N PRO B 134 -25.28 -0.38 4.49
CA PRO B 134 -24.85 0.95 4.91
C PRO B 134 -25.63 1.66 6.05
N THR B 135 -26.64 1.08 6.67
CA THR B 135 -27.44 1.81 7.69
C THR B 135 -27.40 0.98 8.94
N TYR B 136 -27.13 1.61 10.08
CA TYR B 136 -27.06 0.88 11.33
C TYR B 136 -28.49 0.49 11.73
N LYS B 137 -28.62 -0.69 12.31
CA LYS B 137 -29.78 -1.05 13.10
C LYS B 137 -29.39 -2.11 14.08
N TYR B 138 -29.98 -2.06 15.26
CA TYR B 138 -29.77 -3.10 16.23
C TYR B 138 -30.45 -4.42 15.74
N VAL B 139 -29.68 -5.48 15.74
CA VAL B 139 -30.18 -6.78 15.42
C VAL B 139 -29.81 -7.61 16.64
N ASP B 140 -30.47 -8.73 16.77
CA ASP B 140 -30.28 -9.62 17.90
C ASP B 140 -28.91 -10.26 17.78
N ILE B 141 -28.02 -9.91 18.70
CA ILE B 141 -26.64 -10.43 18.65
C ILE B 141 -26.58 -11.91 18.95
N ASN B 142 -27.51 -12.39 19.78
CA ASN B 142 -27.65 -13.81 19.94
C ASN B 142 -27.88 -14.60 18.60
N THR B 143 -28.59 -14.01 17.64
CA THR B 143 -28.74 -14.61 16.34
C THR B 143 -27.88 -14.00 15.27
N PHE B 144 -26.87 -13.22 15.66
CA PHE B 144 -26.08 -12.51 14.69
C PHE B 144 -25.39 -13.44 13.77
N ARG B 145 -25.33 -13.08 12.50
CA ARG B 145 -24.58 -13.88 11.56
C ARG B 145 -24.35 -13.09 10.29
N LEU B 146 -23.19 -13.30 9.66
CA LEU B 146 -22.92 -12.75 8.34
C LEU B 146 -23.89 -13.34 7.33
N SER B 147 -24.33 -12.51 6.39
CA SER B 147 -25.21 -12.96 5.31
C SER B 147 -24.37 -13.63 4.23
N ALA B 148 -25.04 -14.22 3.26
CA ALA B 148 -24.36 -14.84 2.12
C ALA B 148 -23.52 -13.81 1.39
N ASP B 149 -24.13 -12.64 1.20
CA ASP B 149 -23.52 -11.50 0.56
C ASP B 149 -22.22 -11.04 1.28
N ASP B 150 -22.23 -10.96 2.59
CA ASP B 150 -21.02 -10.63 3.35
C ASP B 150 -19.95 -11.69 3.10
N ILE B 151 -20.33 -12.95 3.18
CA ILE B 151 -19.37 -14.06 3.13
C ILE B 151 -18.73 -14.17 1.76
N ARG B 152 -19.55 -14.02 0.73
CA ARG B 152 -19.09 -14.03 -0.66
C ARG B 152 -18.07 -12.90 -0.89
N GLY B 153 -18.35 -11.71 -0.37
CA GLY B 153 -17.44 -10.56 -0.54
C GLY B 153 -16.10 -10.73 0.15
N ILE B 154 -16.12 -11.20 1.39
CA ILE B 154 -14.88 -11.40 2.13
C ILE B 154 -14.07 -12.58 1.57
N GLN B 155 -14.76 -13.63 1.13
CA GLN B 155 -14.09 -14.78 0.51
C GLN B 155 -13.47 -14.53 -0.86
N SER B 156 -14.07 -13.64 -1.63
CA SER B 156 -13.53 -13.25 -2.93
C SER B 156 -12.21 -12.50 -2.73
N LEU B 157 -12.10 -11.71 -1.67
CA LEU B 157 -10.84 -11.06 -1.35
C LEU B 157 -9.75 -11.89 -0.67
N TYR B 158 -10.15 -12.79 0.22
CA TYR B 158 -9.23 -13.51 1.09
C TYR B 158 -9.27 -14.98 0.98
N GLY B 159 -10.26 -15.50 0.25
CA GLY B 159 -10.58 -16.93 0.22
C GLY B 159 -9.36 -17.74 -0.11
N PRO C 3 -10.58 19.80 -10.64
CA PRO C 3 -11.56 18.85 -10.16
C PRO C 3 -10.93 17.46 -9.93
N VAL C 4 -11.60 16.63 -9.12
CA VAL C 4 -11.15 15.27 -8.85
C VAL C 4 -12.34 14.38 -9.08
N TRP C 5 -12.11 13.06 -9.11
CA TRP C 5 -13.24 12.13 -9.15
C TRP C 5 -13.91 12.19 -7.77
N ARG C 6 -15.24 12.28 -7.76
CA ARG C 6 -16.03 12.34 -6.53
C ARG C 6 -16.49 10.96 -6.03
N LYS C 7 -15.71 9.91 -6.28
CA LYS C 7 -15.99 8.57 -5.75
C LYS C 7 -14.68 7.83 -5.74
N HIS C 8 -14.61 6.69 -5.05
CA HIS C 8 -13.36 5.96 -4.96
C HIS C 8 -13.30 4.79 -5.95
N TYR C 9 -14.46 4.29 -6.34
CA TYR C 9 -14.57 3.15 -7.25
C TYR C 9 -14.67 3.64 -8.69
N ILE C 10 -13.65 3.41 -9.48
CA ILE C 10 -13.51 4.05 -10.78
C ILE C 10 -13.29 2.98 -11.85
N THR C 11 -14.14 3.00 -12.87
CA THR C 11 -14.09 2.03 -13.92
C THR C 11 -13.26 2.48 -15.13
N TYR C 12 -12.62 1.52 -15.79
CA TYR C 12 -11.92 1.79 -17.01
C TYR C 12 -12.27 0.73 -18.03
N ARG C 13 -12.20 1.12 -19.30
CA ARG C 13 -12.46 0.21 -20.37
C ARG C 13 -11.45 0.41 -21.44
N ILE C 14 -10.98 -0.69 -22.04
CA ILE C 14 -10.10 -0.61 -23.18
C ILE C 14 -10.98 -0.59 -24.40
N ASN C 15 -11.05 0.57 -25.03
CA ASN C 15 -11.89 0.73 -26.19
C ASN C 15 -11.36 -0.13 -27.35
N ASN C 16 -10.05 -0.26 -27.44
CA ASN C 16 -9.44 -0.92 -28.62
C ASN C 16 -8.01 -1.19 -28.31
N TYR C 17 -7.43 -2.11 -29.07
CA TYR C 17 -6.10 -2.58 -28.81
C TYR C 17 -5.14 -2.22 -29.94
N THR C 18 -3.93 -1.82 -29.54
CA THR C 18 -2.86 -1.57 -30.50
C THR C 18 -2.39 -2.86 -31.11
N PRO C 19 -2.15 -2.90 -32.43
CA PRO C 19 -1.58 -4.14 -32.91
C PRO C 19 -0.11 -4.24 -32.55
N ASP C 20 0.51 -3.21 -32.02
CA ASP C 20 1.89 -3.33 -31.63
C ASP C 20 2.24 -4.47 -30.63
N MET C 21 1.28 -4.93 -29.85
CA MET C 21 1.56 -5.75 -28.67
C MET C 21 0.54 -6.87 -28.64
N ASN C 22 0.93 -7.95 -28.02
CA ASN C 22 0.02 -8.98 -27.69
C ASN C 22 -1.00 -8.30 -26.76
N ARG C 23 -2.24 -8.73 -26.91
CA ARG C 23 -3.33 -8.21 -26.11
C ARG C 23 -3.20 -8.35 -24.61
N GLU C 24 -2.75 -9.52 -24.20
CA GLU C 24 -2.43 -9.82 -22.85
C GLU C 24 -1.50 -8.78 -22.28
N ASP C 25 -0.46 -8.43 -23.03
CA ASP C 25 0.46 -7.37 -22.59
C ASP C 25 -0.15 -5.96 -22.48
N VAL C 26 -1.21 -5.66 -23.25
CA VAL C 26 -1.88 -4.34 -23.16
C VAL C 26 -2.65 -4.29 -21.83
N ASP C 27 -3.48 -5.29 -21.61
CA ASP C 27 -4.22 -5.45 -20.34
C ASP C 27 -3.32 -5.35 -19.12
N TYR C 28 -2.25 -6.09 -19.19
CA TYR C 28 -1.30 -6.15 -18.11
C TYR C 28 -0.67 -4.79 -17.80
N ALA C 29 -0.16 -4.14 -18.83
CA ALA C 29 0.39 -2.77 -18.72
C ALA C 29 -0.62 -1.77 -18.12
N ILE C 30 -1.82 -1.76 -18.68
CA ILE C 30 -2.90 -0.92 -18.23
C ILE C 30 -3.30 -1.25 -16.78
N ARG C 31 -3.54 -2.52 -16.47
CA ARG C 31 -3.80 -2.95 -15.11
C ARG C 31 -2.70 -2.52 -14.11
N LYS C 32 -1.47 -2.89 -14.42
CA LYS C 32 -0.35 -2.49 -13.57
C LYS C 32 -0.30 -0.99 -13.31
N ALA C 33 -0.51 -0.22 -14.40
CA ALA C 33 -0.53 1.25 -14.33
C ALA C 33 -1.54 1.80 -13.32
N PHE C 34 -2.71 1.19 -13.29
CA PHE C 34 -3.78 1.65 -12.44
C PHE C 34 -3.43 1.27 -11.01
N GLN C 35 -2.77 0.13 -10.89
CA GLN C 35 -2.31 -0.40 -9.61
C GLN C 35 -1.30 0.55 -8.95
N VAL C 36 -0.45 1.18 -9.77
CA VAL C 36 0.50 2.13 -9.23
C VAL C 36 -0.19 3.21 -8.42
N TRP C 37 -1.27 3.80 -8.94
CA TRP C 37 -2.05 4.83 -8.23
C TRP C 37 -2.97 4.29 -7.12
N SER C 38 -3.62 3.13 -7.30
CA SER C 38 -4.44 2.51 -6.24
C SER C 38 -3.59 2.08 -5.03
N ASN C 39 -2.37 1.61 -5.27
CA ASN C 39 -1.37 1.40 -4.19
C ASN C 39 -1.11 2.56 -3.17
N VAL C 40 -1.32 3.81 -3.57
CA VAL C 40 -1.04 4.97 -2.67
C VAL C 40 -2.27 5.87 -2.45
N THR C 41 -3.45 5.38 -2.81
CA THR C 41 -4.68 6.11 -2.56
C THR C 41 -5.71 5.14 -2.05
N PRO C 42 -6.83 5.67 -1.53
CA PRO C 42 -8.04 4.83 -1.38
C PRO C 42 -8.79 4.50 -2.68
N LEU C 43 -8.24 4.77 -3.86
CA LEU C 43 -8.97 4.59 -5.10
C LEU C 43 -8.97 3.14 -5.49
N LYS C 44 -10.12 2.66 -5.97
N LYS C 44 -10.11 2.68 -6.01
CA LYS C 44 -10.25 1.31 -6.56
CA LYS C 44 -10.24 1.33 -6.55
C LYS C 44 -10.59 1.38 -8.05
C LYS C 44 -10.61 1.36 -8.05
N PHE C 45 -9.81 0.67 -8.85
CA PHE C 45 -10.01 0.58 -10.26
C PHE C 45 -10.48 -0.81 -10.62
N SER C 46 -11.41 -0.87 -11.56
CA SER C 46 -12.03 -2.10 -11.95
C SER C 46 -12.22 -1.92 -13.45
N LYS C 47 -11.71 -2.89 -14.20
CA LYS C 47 -11.88 -2.95 -15.63
C LYS C 47 -13.28 -3.47 -15.91
N ILE C 48 -14.02 -2.83 -16.81
CA ILE C 48 -15.31 -3.38 -17.27
C ILE C 48 -15.24 -3.65 -18.77
N ASN C 49 -16.14 -4.48 -19.24
CA ASN C 49 -16.16 -4.97 -20.62
C ASN C 49 -17.42 -4.67 -21.37
N THR C 50 -18.35 -4.04 -20.69
CA THR C 50 -19.54 -3.58 -21.28
C THR C 50 -19.97 -2.37 -20.47
N GLY C 51 -20.70 -1.46 -21.12
CA GLY C 51 -21.23 -0.26 -20.48
C GLY C 51 -20.29 0.94 -20.61
N MET C 52 -20.68 2.10 -20.09
CA MET C 52 -19.83 3.27 -20.13
C MET C 52 -18.88 3.33 -18.89
N ALA C 53 -17.59 3.14 -19.11
CA ALA C 53 -16.57 3.31 -18.08
C ALA C 53 -16.32 4.78 -17.77
N ASP C 54 -15.72 5.05 -16.62
CA ASP C 54 -15.18 6.37 -16.31
C ASP C 54 -13.99 6.79 -17.16
N ILE C 55 -13.04 5.86 -17.34
CA ILE C 55 -11.80 6.12 -18.05
C ILE C 55 -11.79 5.19 -19.22
N LEU C 56 -11.98 5.75 -20.39
CA LEU C 56 -11.85 4.98 -21.62
C LEU C 56 -10.43 5.10 -22.10
N VAL C 57 -9.84 3.94 -22.40
CA VAL C 57 -8.48 3.87 -22.89
C VAL C 57 -8.64 3.63 -24.37
N VAL C 58 -8.03 4.49 -25.19
CA VAL C 58 -8.17 4.49 -26.66
C VAL C 58 -6.79 4.52 -27.32
N PHE C 59 -6.59 3.68 -28.31
CA PHE C 59 -5.47 3.79 -29.25
C PHE C 59 -5.95 4.40 -30.56
N ALA C 60 -5.50 5.63 -30.84
CA ALA C 60 -5.87 6.28 -32.12
C ALA C 60 -4.70 6.92 -32.81
N ARG C 61 -4.84 7.12 -34.11
CA ARG C 61 -3.87 7.91 -34.91
C ARG C 61 -4.45 9.22 -35.46
N GLY C 62 -3.59 10.23 -35.57
CA GLY C 62 -4.03 11.57 -35.96
C GLY C 62 -5.34 12.09 -35.35
N ALA C 63 -6.25 12.51 -36.24
CA ALA C 63 -7.52 13.09 -35.80
C ALA C 63 -8.40 11.93 -35.34
N HIS C 64 -8.98 12.05 -34.13
CA HIS C 64 -9.83 10.98 -33.54
C HIS C 64 -11.07 11.44 -32.80
N GLY C 65 -11.53 12.65 -33.11
CA GLY C 65 -12.89 13.08 -32.76
C GLY C 65 -12.92 13.76 -31.38
N ASP C 66 -11.76 14.17 -30.85
CA ASP C 66 -11.78 14.97 -29.62
C ASP C 66 -11.25 16.39 -29.82
N ASP C 67 -10.95 16.80 -31.06
CA ASP C 67 -10.37 18.13 -31.29
C ASP C 67 -8.91 18.29 -30.89
N HIS C 68 -8.22 17.20 -30.58
CA HIS C 68 -6.80 17.23 -30.23
C HIS C 68 -6.11 16.17 -31.04
N ALA C 69 -5.91 16.43 -32.33
CA ALA C 69 -5.30 15.42 -33.18
C ALA C 69 -3.86 15.11 -32.78
N PHE C 70 -3.55 13.85 -32.90
CA PHE C 70 -2.21 13.37 -32.77
C PHE C 70 -1.37 13.69 -34.00
N ASP C 71 -0.07 13.47 -33.89
CA ASP C 71 0.89 14.10 -34.76
C ASP C 71 1.85 13.15 -35.51
N GLY C 72 1.46 11.90 -35.66
CA GLY C 72 2.32 10.84 -36.25
C GLY C 72 3.38 10.32 -35.28
N LYS C 73 4.24 9.44 -35.78
CA LYS C 73 5.35 8.91 -34.99
C LYS C 73 6.20 10.01 -34.41
N GLY C 74 6.53 9.89 -33.13
CA GLY C 74 7.29 10.91 -32.43
C GLY C 74 6.37 11.95 -31.86
N GLY C 75 6.96 12.87 -31.10
CA GLY C 75 6.29 14.05 -30.61
C GLY C 75 5.31 13.75 -29.49
N ILE C 76 4.05 14.16 -29.67
CA ILE C 76 3.04 13.90 -28.66
C ILE C 76 2.84 12.40 -28.72
N LEU C 77 2.97 11.74 -27.58
CA LEU C 77 2.84 10.25 -27.51
C LEU C 77 1.44 9.84 -27.08
N ALA C 78 0.82 10.67 -26.25
CA ALA C 78 -0.46 10.29 -25.69
C ALA C 78 -0.98 11.46 -25.03
N HIS C 79 -2.29 11.44 -24.69
CA HIS C 79 -2.81 12.46 -23.79
C HIS C 79 -4.03 11.95 -23.05
N ALA C 80 -4.45 12.75 -22.08
CA ALA C 80 -5.54 12.36 -21.25
C ALA C 80 -6.23 13.57 -20.71
N PHE C 81 -7.55 13.45 -20.59
CA PHE C 81 -8.47 14.46 -20.05
C PHE C 81 -8.73 14.32 -18.52
N GLY C 82 -8.80 15.48 -17.86
CA GLY C 82 -9.03 15.53 -16.44
C GLY C 82 -10.38 14.96 -16.02
N PRO C 83 -10.58 14.78 -14.69
CA PRO C 83 -11.79 14.17 -14.23
C PRO C 83 -12.98 14.99 -14.67
N GLY C 84 -14.05 14.32 -15.03
CA GLY C 84 -15.17 14.95 -15.70
C GLY C 84 -16.07 13.85 -16.20
N SER C 85 -17.31 14.17 -16.54
CA SER C 85 -18.17 13.25 -17.29
C SER C 85 -17.67 13.10 -18.72
N GLY C 86 -18.25 12.13 -19.42
CA GLY C 86 -18.04 11.98 -20.86
C GLY C 86 -16.59 11.79 -21.16
N ILE C 87 -16.03 12.64 -22.01
CA ILE C 87 -14.62 12.52 -22.36
C ILE C 87 -13.66 12.71 -21.20
N GLY C 88 -14.14 13.30 -20.10
CA GLY C 88 -13.38 13.41 -18.88
C GLY C 88 -12.77 12.06 -18.50
N GLY C 89 -11.51 12.07 -18.11
CA GLY C 89 -10.82 10.87 -17.63
C GLY C 89 -10.16 10.05 -18.71
N ASP C 90 -10.64 10.17 -19.92
CA ASP C 90 -10.23 9.30 -21.01
C ASP C 90 -8.80 9.50 -21.36
N ALA C 91 -8.12 8.40 -21.65
CA ALA C 91 -6.69 8.44 -21.91
C ALA C 91 -6.38 7.87 -23.30
N HIS C 92 -5.81 8.68 -24.16
CA HIS C 92 -5.62 8.22 -25.54
C HIS C 92 -4.17 8.10 -25.85
N PHE C 93 -3.85 7.10 -26.63
CA PHE C 93 -2.48 6.76 -26.90
C PHE C 93 -2.24 6.83 -28.44
N ASP C 94 -1.18 7.49 -28.85
CA ASP C 94 -1.01 7.70 -30.31
C ASP C 94 -0.53 6.40 -30.96
N GLU C 95 -1.38 5.84 -31.81
CA GLU C 95 -1.06 4.60 -32.43
C GLU C 95 0.14 4.65 -33.38
N ASP C 96 0.53 5.83 -33.84
CA ASP C 96 1.71 5.92 -34.75
C ASP C 96 3.01 5.80 -33.97
N GLU C 97 2.95 5.86 -32.61
CA GLU C 97 4.03 5.27 -31.79
C GLU C 97 4.03 3.74 -31.93
N PHE C 98 5.16 3.16 -31.60
CA PHE C 98 5.28 1.74 -31.45
C PHE C 98 5.29 1.39 -29.96
N TRP C 99 4.18 0.88 -29.46
CA TRP C 99 4.07 0.51 -28.03
C TRP C 99 4.68 -0.85 -27.73
N THR C 100 5.49 -0.89 -26.69
CA THR C 100 6.19 -2.05 -26.17
C THR C 100 5.95 -2.34 -24.66
N THR C 101 6.21 -3.58 -24.29
CA THR C 101 6.22 -4.04 -22.90
C THR C 101 7.46 -3.56 -22.13
N HIS C 102 8.60 -3.49 -22.80
CA HIS C 102 9.82 -2.92 -22.21
C HIS C 102 10.33 -1.74 -23.04
N SER C 103 11.57 -1.77 -23.53
CA SER C 103 12.16 -0.62 -24.22
C SER C 103 12.15 -0.84 -25.74
N GLY C 104 12.64 0.15 -26.47
CA GLY C 104 12.73 0.03 -27.92
C GLY C 104 11.37 0.23 -28.54
N GLY C 105 10.98 1.50 -28.58
CA GLY C 105 9.63 1.93 -28.85
C GLY C 105 9.30 2.79 -27.67
N THR C 106 8.02 2.92 -27.41
CA THR C 106 7.52 3.74 -26.31
C THR C 106 6.83 2.77 -25.40
N ASN C 107 7.24 2.79 -24.15
CA ASN C 107 6.82 1.79 -23.24
C ASN C 107 5.44 2.17 -22.77
N LEU C 108 4.51 1.21 -22.91
CA LEU C 108 3.12 1.49 -22.74
C LEU C 108 2.82 1.68 -21.26
N PHE C 109 3.53 0.92 -20.41
CA PHE C 109 3.22 0.95 -18.99
C PHE C 109 3.55 2.32 -18.43
N LEU C 110 4.72 2.79 -18.72
CA LEU C 110 5.14 4.07 -18.18
C LEU C 110 4.19 5.20 -18.65
N THR C 111 3.85 5.16 -19.94
CA THR C 111 3.03 6.18 -20.51
C THR C 111 1.72 6.17 -19.88
N ALA C 112 1.15 4.96 -19.68
CA ALA C 112 -0.11 4.78 -18.99
C ALA C 112 -0.09 5.28 -17.57
N VAL C 113 1.02 5.09 -16.83
CA VAL C 113 1.06 5.56 -15.42
C VAL C 113 0.92 7.07 -15.40
N HIS C 114 1.65 7.70 -16.31
CA HIS C 114 1.64 9.16 -16.45
C HIS C 114 0.28 9.71 -16.87
N GLN C 115 -0.27 9.17 -17.96
CA GLN C 115 -1.59 9.61 -18.44
C GLN C 115 -2.72 9.42 -17.42
N ILE C 116 -2.71 8.28 -16.73
CA ILE C 116 -3.73 8.05 -15.65
C ILE C 116 -3.62 9.07 -14.55
N GLY C 117 -2.42 9.51 -14.25
CA GLY C 117 -2.22 10.59 -13.29
C GLY C 117 -3.03 11.81 -13.73
N HIS C 118 -2.91 12.14 -15.02
CA HIS C 118 -3.74 13.18 -15.59
C HIS C 118 -5.23 12.83 -15.53
N SER C 119 -5.58 11.61 -15.87
CA SER C 119 -6.96 11.15 -15.79
C SER C 119 -7.51 11.34 -14.39
N LEU C 120 -6.65 11.21 -13.36
CA LEU C 120 -7.09 11.43 -11.94
C LEU C 120 -7.03 12.88 -11.48
N GLY C 121 -6.42 13.73 -12.33
CA GLY C 121 -6.43 15.21 -12.17
C GLY C 121 -5.08 15.79 -11.80
N LEU C 122 -4.02 15.04 -11.95
CA LEU C 122 -2.71 15.58 -11.65
C LEU C 122 -2.20 16.44 -12.80
N GLY C 123 -1.35 17.36 -12.37
CA GLY C 123 -0.59 18.24 -13.24
C GLY C 123 0.79 17.61 -13.41
N HIS C 124 1.71 18.46 -13.77
CA HIS C 124 3.07 18.06 -13.98
C HIS C 124 3.97 18.37 -12.77
N SER C 125 4.94 17.50 -12.58
CA SER C 125 5.96 17.64 -11.56
C SER C 125 7.24 18.22 -12.13
N SER C 126 7.97 18.90 -11.28
CA SER C 126 9.29 19.42 -11.59
C SER C 126 10.41 18.46 -11.22
N ASP C 127 10.09 17.30 -10.65
CA ASP C 127 11.12 16.28 -10.34
C ASP C 127 11.28 15.35 -11.56
N PRO C 128 12.49 15.24 -12.15
CA PRO C 128 12.72 14.32 -13.28
C PRO C 128 12.59 12.86 -12.92
N LYS C 129 12.53 12.60 -11.63
CA LYS C 129 12.34 11.27 -11.10
C LYS C 129 10.84 10.92 -11.02
N ALA C 130 10.00 11.93 -10.85
CA ALA C 130 8.55 11.75 -10.85
C ALA C 130 7.99 11.09 -12.13
N VAL C 131 6.91 10.36 -11.99
CA VAL C 131 6.27 9.75 -13.15
C VAL C 131 5.54 10.87 -13.89
N MET C 132 5.02 11.86 -13.15
CA MET C 132 4.40 13.07 -13.74
C MET C 132 5.34 14.15 -14.34
N PHE C 133 6.64 13.93 -14.31
CA PHE C 133 7.53 14.78 -15.09
C PHE C 133 6.98 14.86 -16.53
N PRO C 134 7.07 16.05 -17.22
CA PRO C 134 6.51 16.15 -18.59
C PRO C 134 7.27 15.51 -19.75
N THR C 135 8.48 15.02 -19.54
CA THR C 135 9.25 14.37 -20.61
C THR C 135 9.27 12.82 -20.42
N TYR C 136 9.01 12.10 -21.50
CA TYR C 136 9.15 10.64 -21.51
C TYR C 136 10.63 10.19 -21.46
N LYS C 137 10.90 9.19 -20.65
CA LYS C 137 12.15 8.46 -20.68
C LYS C 137 11.86 7.06 -20.22
N TYR C 138 12.50 6.10 -20.89
CA TYR C 138 12.57 4.79 -20.37
C TYR C 138 13.37 4.80 -19.06
N VAL C 139 12.77 4.26 -18.03
CA VAL C 139 13.42 4.01 -16.77
C VAL C 139 13.20 2.53 -16.52
N ASP C 140 13.97 2.00 -15.58
CA ASP C 140 13.95 0.59 -15.21
C ASP C 140 12.60 0.35 -14.50
N ILE C 141 11.76 -0.44 -15.18
CA ILE C 141 10.44 -0.83 -14.65
C ILE C 141 10.55 -1.73 -13.42
N ASN C 142 11.58 -2.55 -13.38
CA ASN C 142 11.91 -3.23 -12.14
C ASN C 142 12.09 -2.35 -10.87
N THR C 143 12.70 -1.18 -11.00
CA THR C 143 12.88 -0.28 -9.88
C THR C 143 11.87 0.85 -9.89
N PHE C 144 10.92 0.81 -10.84
CA PHE C 144 9.93 1.84 -11.00
C PHE C 144 9.27 2.15 -9.69
N ARG C 145 9.11 3.42 -9.40
CA ARG C 145 8.46 3.78 -8.16
C ARG C 145 8.04 5.20 -8.27
N LEU C 146 6.83 5.48 -7.79
CA LEU C 146 6.38 6.84 -7.61
C LEU C 146 7.34 7.65 -6.72
N SER C 147 7.68 8.85 -7.17
CA SER C 147 8.44 9.82 -6.38
C SER C 147 7.56 10.47 -5.31
N ALA C 148 8.21 11.07 -4.34
CA ALA C 148 7.54 11.74 -3.19
C ALA C 148 6.59 12.83 -3.69
N ASP C 149 7.00 13.52 -4.75
CA ASP C 149 6.17 14.51 -5.41
C ASP C 149 4.89 13.93 -6.06
N ASP C 150 5.02 12.82 -6.75
CA ASP C 150 3.86 12.06 -7.25
C ASP C 150 2.92 11.67 -6.14
N ILE C 151 3.48 11.10 -5.07
CA ILE C 151 2.68 10.59 -3.96
C ILE C 151 1.92 11.73 -3.29
N ARG C 152 2.67 12.78 -2.89
CA ARG C 152 2.13 14.03 -2.34
C ARG C 152 1.02 14.64 -3.20
N GLY C 153 1.22 14.61 -4.53
CA GLY C 153 0.23 15.19 -5.46
C GLY C 153 -1.05 14.39 -5.42
N ILE C 154 -0.93 13.10 -5.67
CA ILE C 154 -2.11 12.25 -5.68
C ILE C 154 -2.79 12.16 -4.30
N GLN C 155 -1.99 12.13 -3.24
CA GLN C 155 -2.58 12.10 -1.86
C GLN C 155 -3.28 13.41 -1.49
N SER C 156 -2.83 14.53 -2.04
CA SER C 156 -3.50 15.80 -1.86
C SER C 156 -4.86 15.93 -2.55
N LEU C 157 -5.22 14.98 -3.41
CA LEU C 157 -6.45 14.99 -4.14
C LEU C 157 -7.41 13.92 -3.67
N TYR C 158 -6.92 12.86 -3.05
CA TYR C 158 -7.72 11.66 -2.71
C TYR C 158 -7.54 11.13 -1.30
N GLY C 159 -6.36 11.35 -0.72
CA GLY C 159 -6.01 10.86 0.62
C GLY C 159 -5.04 9.69 0.54
N PRO D 3 20.21 8.94 9.11
CA PRO D 3 19.17 8.91 8.08
C PRO D 3 18.50 10.26 7.89
N VAL D 4 18.14 10.59 6.64
CA VAL D 4 17.70 11.94 6.24
C VAL D 4 16.51 11.97 5.28
N TRP D 5 15.90 13.14 5.16
CA TRP D 5 14.83 13.33 4.19
C TRP D 5 15.39 13.27 2.78
N ARG D 6 14.94 12.31 2.00
CA ARG D 6 15.43 12.15 0.61
C ARG D 6 14.72 13.07 -0.42
N LYS D 7 14.50 14.32 -0.01
CA LYS D 7 13.76 15.30 -0.78
C LYS D 7 14.01 16.66 -0.12
N HIS D 8 13.84 17.76 -0.87
CA HIS D 8 14.13 19.12 -0.36
C HIS D 8 12.90 20.02 -0.09
N TYR D 9 11.75 19.61 -0.59
CA TYR D 9 10.50 20.26 -0.25
C TYR D 9 9.81 19.46 0.85
N ILE D 10 9.74 20.03 2.05
CA ILE D 10 9.21 19.30 3.22
C ILE D 10 7.95 20.06 3.77
N THR D 11 6.85 19.34 3.96
CA THR D 11 5.62 19.99 4.33
C THR D 11 5.46 19.80 5.81
N TYR D 12 4.66 20.68 6.40
CA TYR D 12 4.29 20.49 7.78
C TYR D 12 2.90 20.97 8.01
N ARG D 13 2.32 20.46 9.11
CA ARG D 13 0.96 20.79 9.46
C ARG D 13 0.85 20.85 10.92
N ILE D 14 0.13 21.87 11.42
CA ILE D 14 -0.17 21.98 12.87
C ILE D 14 -1.43 21.15 13.08
N ASN D 15 -1.20 19.99 13.70
CA ASN D 15 -2.27 19.09 14.12
C ASN D 15 -3.33 19.73 14.98
N ASN D 16 -2.88 20.53 15.93
CA ASN D 16 -3.72 21.16 16.94
C ASN D 16 -2.95 22.24 17.68
N TYR D 17 -3.71 23.08 18.43
CA TYR D 17 -3.16 24.29 19.03
C TYR D 17 -3.21 24.24 20.53
N THR D 18 -2.13 24.73 21.12
CA THR D 18 -2.05 24.81 22.55
C THR D 18 -2.88 25.98 23.03
N PRO D 19 -3.66 25.82 24.12
CA PRO D 19 -4.41 26.97 24.61
C PRO D 19 -3.56 27.99 25.31
N ASP D 20 -2.32 27.66 25.62
CA ASP D 20 -1.40 28.60 26.26
C ASP D 20 -1.17 29.94 25.57
N MET D 21 -1.27 30.00 24.25
CA MET D 21 -0.75 31.11 23.46
C MET D 21 -1.77 31.46 22.43
N ASN D 22 -1.82 32.67 21.96
CA ASN D 22 -2.68 32.90 20.78
C ASN D 22 -2.15 32.03 19.60
N ARG D 23 -3.10 31.60 18.79
CA ARG D 23 -2.87 30.80 17.64
C ARG D 23 -1.91 31.40 16.65
N GLU D 24 -2.00 32.70 16.47
CA GLU D 24 -1.12 33.40 15.52
C GLU D 24 0.33 33.41 16.02
N ASP D 25 0.52 33.41 17.33
CA ASP D 25 1.85 33.33 17.93
C ASP D 25 2.48 31.94 17.83
N VAL D 26 1.65 30.89 17.90
CA VAL D 26 2.03 29.53 17.62
C VAL D 26 2.49 29.40 16.14
N ASP D 27 1.59 29.77 15.22
CA ASP D 27 1.91 29.83 13.79
C ASP D 27 3.20 30.56 13.58
N TYR D 28 3.33 31.74 14.16
CA TYR D 28 4.57 32.50 14.00
C TYR D 28 5.80 31.77 14.58
N ALA D 29 5.71 31.24 15.79
CA ALA D 29 6.87 30.56 16.41
C ALA D 29 7.36 29.36 15.58
N ILE D 30 6.39 28.62 15.02
CA ILE D 30 6.66 27.42 14.35
C ILE D 30 7.23 27.75 13.02
N ARG D 31 6.58 28.68 12.35
CA ARG D 31 7.08 29.23 11.06
C ARG D 31 8.54 29.75 11.13
N LYS D 32 8.78 30.67 12.05
CA LYS D 32 10.15 31.14 12.32
C LYS D 32 11.18 29.99 12.62
N ALA D 33 10.80 28.97 13.40
CA ALA D 33 11.76 27.87 13.66
C ALA D 33 12.18 27.03 12.40
N PHE D 34 11.22 26.67 11.54
CA PHE D 34 11.51 26.12 10.21
C PHE D 34 12.39 27.04 9.33
N GLN D 35 12.16 28.35 9.46
CA GLN D 35 12.91 29.37 8.78
C GLN D 35 14.37 29.35 9.20
N VAL D 36 14.59 29.22 10.49
CA VAL D 36 15.93 29.13 11.06
C VAL D 36 16.69 28.06 10.24
N TRP D 37 16.08 26.88 9.97
CA TRP D 37 16.77 25.77 9.26
C TRP D 37 16.86 25.90 7.75
N SER D 38 15.83 26.48 7.10
CA SER D 38 15.84 26.66 5.62
C SER D 38 16.78 27.76 5.24
N ASN D 39 17.02 28.68 6.16
CA ASN D 39 17.99 29.77 5.94
C ASN D 39 19.43 29.35 5.70
N VAL D 40 19.80 28.13 6.09
CA VAL D 40 21.18 27.63 5.94
C VAL D 40 21.26 26.20 5.34
N THR D 41 20.20 25.78 4.66
CA THR D 41 20.16 24.56 3.84
C THR D 41 19.40 24.87 2.53
N PRO D 42 19.47 23.94 1.57
CA PRO D 42 18.55 24.10 0.43
C PRO D 42 17.08 23.62 0.68
N LEU D 43 16.72 23.29 1.93
CA LEU D 43 15.40 22.73 2.23
C LEU D 43 14.36 23.82 2.23
N LYS D 44 13.26 23.54 1.53
CA LYS D 44 12.05 24.35 1.53
C LYS D 44 10.99 23.73 2.45
N PHE D 45 10.29 24.59 3.17
CA PHE D 45 9.26 24.20 4.09
C PHE D 45 7.95 24.98 3.80
N SER D 46 6.86 24.23 3.61
N SER D 46 6.87 24.20 3.72
CA SER D 46 5.55 24.81 3.37
CA SER D 46 5.52 24.64 3.34
C SER D 46 4.51 24.20 4.32
C SER D 46 4.53 24.16 4.39
N LYS D 47 3.75 25.08 4.93
CA LYS D 47 2.72 24.74 5.83
C LYS D 47 1.51 24.31 5.01
N ILE D 48 0.96 23.14 5.33
CA ILE D 48 -0.27 22.69 4.73
C ILE D 48 -1.35 22.56 5.78
N ASN D 49 -2.58 22.68 5.29
CA ASN D 49 -3.79 22.76 6.07
C ASN D 49 -4.73 21.69 5.74
N THR D 50 -4.27 20.74 4.92
CA THR D 50 -5.03 19.62 4.65
C THR D 50 -4.15 18.52 4.08
N GLY D 51 -4.62 17.27 4.13
CA GLY D 51 -3.88 16.09 3.70
C GLY D 51 -2.74 15.74 4.63
N MET D 52 -1.95 14.72 4.27
CA MET D 52 -0.82 14.25 5.13
C MET D 52 0.45 15.05 4.94
N ALA D 53 0.95 15.66 6.01
CA ALA D 53 2.22 16.41 6.00
C ALA D 53 3.39 15.51 6.34
N ASP D 54 4.61 15.92 6.01
CA ASP D 54 5.82 15.22 6.46
C ASP D 54 5.99 15.28 7.96
N ILE D 55 6.02 16.52 8.46
CA ILE D 55 6.19 16.83 9.87
C ILE D 55 4.84 17.22 10.45
N LEU D 56 4.28 16.35 11.25
CA LEU D 56 3.10 16.78 11.97
C LEU D 56 3.51 17.35 13.28
N VAL D 57 2.94 18.49 13.60
CA VAL D 57 3.23 19.22 14.87
C VAL D 57 2.01 19.00 15.76
N VAL D 58 2.25 18.46 16.97
CA VAL D 58 1.23 18.03 17.92
C VAL D 58 1.56 18.61 19.32
N PHE D 59 0.55 19.12 20.00
CA PHE D 59 0.61 19.47 21.42
C PHE D 59 -0.24 18.43 22.12
N ALA D 60 0.39 17.67 23.01
CA ALA D 60 -0.33 16.62 23.73
C ALA D 60 0.22 16.54 25.15
N ARG D 61 -0.52 15.96 26.07
CA ARG D 61 0.02 15.67 27.41
C ARG D 61 -0.09 14.17 27.62
N GLY D 62 0.72 13.64 28.52
CA GLY D 62 0.64 12.28 28.90
C GLY D 62 0.91 11.36 27.75
N ALA D 63 0.25 10.22 27.81
CA ALA D 63 0.21 9.29 26.72
C ALA D 63 -0.66 9.78 25.55
N HIS D 64 -0.12 9.65 24.33
CA HIS D 64 -0.77 10.22 23.12
C HIS D 64 -0.52 9.32 21.87
N GLY D 65 -0.28 8.01 22.07
CA GLY D 65 -0.45 7.02 21.01
C GLY D 65 0.78 6.71 20.15
N ASP D 66 1.95 7.12 20.64
CA ASP D 66 3.21 6.81 20.00
C ASP D 66 4.22 6.10 20.95
N ASP D 67 3.74 5.53 22.07
CA ASP D 67 4.61 4.75 23.02
C ASP D 67 5.74 5.53 23.72
N HIS D 68 5.73 6.88 23.63
CA HIS D 68 6.62 7.76 24.45
C HIS D 68 5.78 8.80 25.22
N ALA D 69 5.15 8.35 26.27
CA ALA D 69 4.26 9.22 27.04
C ALA D 69 5.03 10.38 27.62
N PHE D 70 4.42 11.55 27.68
CA PHE D 70 5.04 12.71 28.31
C PHE D 70 4.84 12.55 29.82
N ASP D 71 5.34 13.54 30.61
CA ASP D 71 5.71 13.29 32.02
C ASP D 71 5.23 14.33 33.03
N GLY D 72 4.25 15.11 32.65
CA GLY D 72 3.80 16.23 33.47
C GLY D 72 4.63 17.46 33.24
N LYS D 73 4.35 18.47 34.04
CA LYS D 73 5.14 19.72 34.03
C LYS D 73 6.60 19.50 34.34
N GLY D 74 7.46 20.11 33.52
CA GLY D 74 8.91 19.92 33.61
C GLY D 74 9.38 18.60 33.03
N GLY D 75 10.57 18.18 33.43
CA GLY D 75 11.24 17.03 32.89
C GLY D 75 11.34 17.15 31.35
N ILE D 76 10.61 16.25 30.67
CA ILE D 76 10.57 16.22 29.20
C ILE D 76 9.62 17.27 28.67
N LEU D 77 10.17 18.22 27.91
CA LEU D 77 9.36 19.27 27.32
C LEU D 77 8.62 18.92 26.03
N ALA D 78 9.20 18.01 25.23
CA ALA D 78 8.86 17.81 23.85
C ALA D 78 9.72 16.73 23.30
N HIS D 79 9.29 16.16 22.17
CA HIS D 79 10.17 15.29 21.44
C HIS D 79 9.81 15.14 19.99
N ALA D 80 10.69 14.52 19.21
CA ALA D 80 10.62 14.56 17.76
C ALA D 80 11.21 13.30 17.20
N PHE D 81 10.63 12.86 16.09
CA PHE D 81 11.12 11.64 15.41
C PHE D 81 12.02 11.97 14.25
N GLY D 82 13.07 11.17 14.09
CA GLY D 82 13.94 11.29 12.94
C GLY D 82 13.20 11.11 11.61
N PRO D 83 13.89 11.41 10.48
CA PRO D 83 13.24 11.37 9.17
C PRO D 83 12.71 10.00 8.83
N GLY D 84 11.57 9.97 8.16
CA GLY D 84 10.88 8.76 7.83
C GLY D 84 9.41 8.98 7.63
N SER D 85 8.75 7.90 7.22
CA SER D 85 7.32 7.91 6.90
C SER D 85 6.49 7.83 8.17
N GLY D 86 5.19 7.94 8.02
CA GLY D 86 4.30 7.98 9.19
C GLY D 86 4.82 8.87 10.29
N ILE D 87 5.09 8.31 11.47
CA ILE D 87 5.49 9.15 12.63
C ILE D 87 6.88 9.80 12.53
N GLY D 88 7.69 9.42 11.55
CA GLY D 88 8.95 10.04 11.32
C GLY D 88 8.78 11.52 11.08
N GLY D 89 9.77 12.30 11.49
CA GLY D 89 9.68 13.73 11.40
C GLY D 89 8.78 14.41 12.41
N ASP D 90 7.86 13.69 13.05
CA ASP D 90 6.80 14.36 13.80
C ASP D 90 7.39 15.02 15.08
N ALA D 91 6.87 16.21 15.39
CA ALA D 91 7.39 17.01 16.50
C ALA D 91 6.23 17.19 17.52
N HIS D 92 6.41 16.59 18.68
CA HIS D 92 5.37 16.63 19.70
C HIS D 92 5.82 17.48 20.85
N PHE D 93 4.91 18.34 21.34
CA PHE D 93 5.18 19.27 22.42
C PHE D 93 4.25 18.98 23.68
N ASP D 94 4.85 18.93 24.83
CA ASP D 94 4.15 18.49 26.02
C ASP D 94 3.23 19.57 26.51
N GLU D 95 1.95 19.36 26.36
CA GLU D 95 0.97 20.35 26.70
C GLU D 95 0.99 20.74 28.15
N ASP D 96 1.41 19.85 29.05
CA ASP D 96 1.50 20.20 30.52
C ASP D 96 2.57 21.24 30.83
N GLU D 97 3.36 21.63 29.83
CA GLU D 97 4.28 22.75 29.94
C GLU D 97 3.46 24.01 29.67
N PHE D 98 3.96 25.16 30.05
CA PHE D 98 3.30 26.39 29.69
C PHE D 98 4.05 27.12 28.55
N TRP D 99 3.51 27.02 27.33
CA TRP D 99 4.20 27.51 26.15
C TRP D 99 4.03 29.02 25.98
N THR D 100 5.14 29.69 25.77
CA THR D 100 5.19 31.13 25.65
C THR D 100 5.95 31.64 24.43
N THR D 101 5.63 32.87 24.06
CA THR D 101 6.27 33.58 22.97
C THR D 101 7.66 34.03 23.37
N HIS D 102 7.79 34.47 24.63
CA HIS D 102 9.08 34.86 25.13
C HIS D 102 9.48 33.95 26.26
N SER D 103 9.82 34.54 27.42
CA SER D 103 10.30 33.79 28.56
C SER D 103 9.14 33.65 29.55
N GLY D 104 9.44 33.10 30.72
CA GLY D 104 8.42 32.93 31.77
C GLY D 104 7.42 31.83 31.39
N GLY D 105 7.95 30.65 31.23
CA GLY D 105 7.25 29.50 30.71
C GLY D 105 8.29 28.81 29.88
N THR D 106 7.87 27.97 28.96
CA THR D 106 8.81 27.25 28.06
C THR D 106 8.61 27.86 26.65
N ASN D 107 9.68 28.45 26.10
CA ASN D 107 9.63 29.13 24.83
C ASN D 107 9.36 28.18 23.68
N LEU D 108 8.24 28.41 22.98
CA LEU D 108 7.83 27.51 21.93
C LEU D 108 8.84 27.58 20.81
N PHE D 109 9.18 28.82 20.36
CA PHE D 109 10.13 29.02 19.26
C PHE D 109 11.48 28.25 19.42
N LEU D 110 12.16 28.47 20.53
CA LEU D 110 13.44 27.79 20.85
C LEU D 110 13.35 26.25 20.94
N THR D 111 12.30 25.76 21.57
CA THR D 111 12.06 24.35 21.64
C THR D 111 11.76 23.79 20.28
N ALA D 112 10.94 24.48 19.50
CA ALA D 112 10.62 24.01 18.20
C ALA D 112 11.85 23.98 17.30
N VAL D 113 12.66 25.03 17.28
CA VAL D 113 13.87 25.00 16.42
C VAL D 113 14.67 23.69 16.71
N HIS D 114 14.93 23.44 18.00
CA HIS D 114 15.59 22.17 18.46
C HIS D 114 14.93 20.88 17.98
N GLN D 115 13.60 20.80 18.17
CA GLN D 115 12.82 19.63 17.72
C GLN D 115 12.84 19.41 16.19
N ILE D 116 12.72 20.49 15.44
CA ILE D 116 12.82 20.44 13.98
C ILE D 116 14.19 19.85 13.53
N GLY D 117 15.24 20.18 14.28
CA GLY D 117 16.57 19.65 14.09
C GLY D 117 16.59 18.14 14.14
N HIS D 118 16.00 17.57 15.19
CA HIS D 118 15.74 16.15 15.25
C HIS D 118 14.78 15.63 14.15
N SER D 119 13.70 16.36 13.85
CA SER D 119 12.84 16.01 12.73
C SER D 119 13.68 15.94 11.44
N LEU D 120 14.73 16.76 11.38
CA LEU D 120 15.56 16.80 10.17
C LEU D 120 16.64 15.73 10.16
N GLY D 121 16.89 15.09 11.31
CA GLY D 121 17.88 14.00 11.46
C GLY D 121 19.12 14.36 12.29
N LEU D 122 19.16 15.57 12.84
CA LEU D 122 20.24 15.89 13.77
C LEU D 122 20.14 15.14 15.13
N GLY D 123 21.32 14.86 15.64
CA GLY D 123 21.49 14.43 17.00
C GLY D 123 21.86 15.65 17.81
N HIS D 124 22.46 15.45 18.98
CA HIS D 124 22.79 16.56 19.87
C HIS D 124 24.21 17.04 19.70
N SER D 125 24.41 18.30 20.04
CA SER D 125 25.71 18.98 20.12
C SER D 125 26.34 19.03 21.54
N SER D 126 27.65 19.05 21.61
CA SER D 126 28.37 19.36 22.87
C SER D 126 28.62 20.83 23.12
N ASP D 127 28.18 21.71 22.20
CA ASP D 127 28.31 23.18 22.34
C ASP D 127 27.10 23.81 23.08
N PRO D 128 27.33 24.34 24.30
CA PRO D 128 26.22 24.92 25.06
C PRO D 128 25.48 26.04 24.35
N LYS D 129 26.18 26.74 23.45
CA LYS D 129 25.60 27.75 22.57
C LYS D 129 24.78 27.20 21.42
N ALA D 130 24.89 25.89 21.15
CA ALA D 130 24.10 25.28 20.08
C ALA D 130 22.61 25.14 20.41
N VAL D 131 21.77 25.33 19.41
CA VAL D 131 20.34 25.10 19.59
C VAL D 131 20.11 23.61 19.78
N MET D 132 21.01 22.78 19.19
CA MET D 132 21.02 21.30 19.39
C MET D 132 21.69 20.73 20.69
N PHE D 133 22.20 21.61 21.55
CA PHE D 133 22.44 21.26 22.94
C PHE D 133 21.26 20.51 23.55
N PRO D 134 21.51 19.49 24.40
CA PRO D 134 20.42 18.70 24.97
C PRO D 134 19.64 19.32 26.16
N THR D 135 19.98 20.53 26.60
CA THR D 135 19.36 21.14 27.81
C THR D 135 18.64 22.43 27.39
N TYR D 136 17.41 22.62 27.84
CA TYR D 136 16.67 23.86 27.56
C TYR D 136 17.22 24.98 28.47
N LYS D 137 17.40 26.16 27.90
CA LYS D 137 17.90 27.37 28.55
C LYS D 137 17.28 28.52 27.78
N TYR D 138 16.61 29.46 28.43
CA TYR D 138 16.16 30.62 27.68
C TYR D 138 17.37 31.47 27.25
N VAL D 139 17.49 31.71 25.94
CA VAL D 139 18.43 32.65 25.38
C VAL D 139 17.67 33.83 24.79
N ASP D 140 18.37 34.94 24.60
CA ASP D 140 17.82 36.11 23.95
C ASP D 140 17.51 35.84 22.49
N ILE D 141 16.21 35.87 22.16
CA ILE D 141 15.67 35.54 20.84
C ILE D 141 16.14 36.61 19.87
N ASN D 142 16.27 37.83 20.35
CA ASN D 142 16.81 38.94 19.53
C ASN D 142 18.21 38.70 18.95
N THR D 143 19.04 38.03 19.73
CA THR D 143 20.38 37.70 19.31
C THR D 143 20.48 36.22 18.93
N PHE D 144 19.34 35.51 18.85
CA PHE D 144 19.30 34.12 18.43
C PHE D 144 20.01 33.85 17.13
N ARG D 145 20.76 32.77 17.09
CA ARG D 145 21.43 32.39 15.89
C ARG D 145 21.91 31.00 16.06
N LEU D 146 22.11 30.27 14.97
CA LEU D 146 22.69 28.92 15.07
C LEU D 146 24.17 29.03 15.33
N SER D 147 24.67 28.24 16.25
CA SER D 147 26.09 28.07 16.42
C SER D 147 26.69 27.33 15.22
N ALA D 148 28.01 27.36 15.12
CA ALA D 148 28.77 26.78 14.01
C ALA D 148 28.51 25.30 13.93
N ASP D 149 28.45 24.67 15.09
CA ASP D 149 28.16 23.24 15.24
C ASP D 149 26.82 22.80 14.58
N ASP D 150 25.76 23.56 14.83
CA ASP D 150 24.44 23.33 14.24
C ASP D 150 24.50 23.45 12.71
N ILE D 151 25.19 24.47 12.20
CA ILE D 151 25.29 24.66 10.77
C ILE D 151 26.13 23.52 10.18
N ARG D 152 27.29 23.24 10.77
N ARG D 152 27.29 23.23 10.77
CA ARG D 152 28.16 22.16 10.30
CA ARG D 152 28.15 22.16 10.28
C ARG D 152 27.37 20.86 10.16
C ARG D 152 27.36 20.85 10.16
N GLY D 153 26.74 20.46 11.26
CA GLY D 153 25.95 19.24 11.29
C GLY D 153 24.81 19.17 10.30
N ILE D 154 24.09 20.28 10.11
CA ILE D 154 22.90 20.25 9.21
C ILE D 154 23.27 20.29 7.73
N GLN D 155 24.30 21.07 7.42
CA GLN D 155 24.88 21.09 6.07
C GLN D 155 25.63 19.80 5.76
N SER D 156 26.02 19.02 6.77
CA SER D 156 26.60 17.71 6.53
C SER D 156 25.53 16.70 6.09
N LEU D 157 24.28 16.91 6.48
CA LEU D 157 23.18 16.05 6.05
C LEU D 157 22.58 16.53 4.73
N TYR D 158 22.43 17.86 4.57
CA TYR D 158 21.81 18.47 3.36
C TYR D 158 22.86 19.19 2.46
N GLY D 159 23.49 18.35 1.62
CA GLY D 159 24.56 18.72 0.66
C GLY D 159 25.08 17.46 -0.03
O42 67F E . -0.17 -16.84 -26.36
C41 67F E . -0.90 -17.80 -26.19
C43 67F E . -1.53 -18.48 -27.36
N40 67F E . -1.05 -18.39 -24.99
C31 67F E . 0.00 -18.24 -23.97
C32 67F E . 0.92 -19.44 -24.19
O39 67F E . 1.43 -19.49 -25.54
C33 67F E . 2.13 -19.49 -23.25
O38 67F E . 2.41 -20.87 -22.94
C34 67F E . 2.02 -18.66 -21.93
C36 67F E . 3.15 -17.63 -21.85
O37 67F E . 2.99 -16.73 -20.72
O35 67F E . 0.79 -17.93 -21.74
C30 67F E . -0.39 -18.26 -22.49
N29 67F E . -1.46 -17.40 -22.02
C27 67F E . -1.78 -17.28 -20.70
S28 67F E . -3.13 -16.61 -20.34
N26 67F E . -1.02 -17.81 -19.71
C25 67F E . -1.37 -17.92 -18.29
C24 67F E . -0.58 -16.96 -17.41
N16 67F E . 0.08 -17.69 -16.29
C17 67F E . 1.41 -18.19 -16.76
C21 67F E . 2.68 -17.39 -16.51
C23 67F E . 2.55 -15.88 -16.26
C22 67F E . 3.60 -17.65 -17.74
C18 67F E . 1.64 -19.64 -16.53
O20 67F E . 2.45 -20.22 -15.75
O19 67F E . 0.93 -20.26 -17.26
S13 67F E . -0.65 -17.81 -14.92
O14 67F E . 0.00 -17.09 -13.89
O15 67F E . -1.92 -17.15 -15.12
C10 67F E . -0.98 -19.30 -14.39
C09 67F E . -2.09 -19.95 -14.89
C08 67F E . -2.45 -21.23 -14.47
C11 67F E . -0.25 -19.97 -13.39
C12 67F E . -0.61 -21.24 -12.94
C07 67F E . -1.71 -21.89 -13.49
C01 67F E . -2.10 -23.26 -13.09
C06 67F E . -1.91 -23.72 -11.80
C05 67F E . -2.26 -25.04 -11.49
C04 67F E . -2.81 -25.89 -12.43
C03 67F E . -3.00 -25.43 -13.72
C02 67F E . -2.64 -24.14 -14.03
ZN ZN F . 1.26 -22.06 -17.79
ZN ZN G . 10.05 -14.05 -12.13
CA CA H . 18.11 -22.09 -13.92
CA CA I . 1.64 -14.87 0.45
CA CA J . -0.68 -12.23 -8.69
S DMS K . 7.50 -16.02 -18.39
O DMS K . 8.09 -16.88 -19.44
C1 DMS K . 8.77 -15.30 -17.54
C2 DMS K . 6.81 -14.61 -19.08
C1 PGO L . 0.55 -33.04 -1.32
C2 PGO L . -0.14 -31.68 -1.39
C3 PGO L . 0.70 -30.56 -0.85
O1 PGO L . 1.38 -33.18 -2.48
O2 PGO L . -1.28 -31.59 -0.57
O42 67F M . -21.89 7.78 -1.89
C41 67F M . -22.04 6.59 -1.62
C43 67F M . -22.69 5.67 -2.61
N40 67F M . -21.63 6.02 -0.48
C31 67F M . -20.87 6.70 0.57
C32 67F M . -19.43 6.98 0.05
O39 67F M . -19.07 8.34 0.36
C33 67F M . -18.31 6.03 0.53
O38 67F M . -17.65 5.41 -0.57
C34 67F M . -18.83 4.95 1.46
C36 67F M . -17.69 4.19 2.14
O37 67F M . -18.23 3.26 3.10
O35 67F M . -19.67 5.59 2.43
C30 67F M . -20.96 5.87 1.89
N29 67F M . -21.82 6.35 2.98
C27 67F M . -21.65 7.47 3.72
S28 67F M . -20.72 8.68 3.27
N26 67F M . -22.22 7.57 4.94
C25 67F M . -23.05 6.60 5.62
C24 67F M . -22.41 5.31 6.15
N16 67F M . -21.41 5.44 7.27
C17 67F M . -20.00 5.24 6.75
C21 67F M . -18.82 6.15 7.13
C23 67F M . -19.09 7.64 6.85
C22 67F M . -17.55 5.69 6.36
C18 67F M . -19.60 3.78 6.96
O20 67F M . -18.56 3.45 7.57
O19 67F M . -20.30 2.94 6.40
S13 67F M . -21.90 5.52 8.74
O14 67F M . -21.02 6.24 9.62
O15 67F M . -23.17 6.23 8.71
C10 67F M . -22.16 4.00 9.29
C09 67F M . -23.35 3.35 8.91
C08 67F M . -23.68 2.06 9.34
C11 67F M . -21.31 3.27 10.16
C12 67F M . -21.63 1.95 10.58
C07 67F M . -22.82 1.33 10.17
C01 67F M . -23.26 -0.05 10.57
C06 67F M . -23.03 -0.53 11.86
C05 67F M . -23.48 -1.82 12.23
C04 67F M . -24.17 -2.65 11.33
C03 67F M . -24.39 -2.17 10.03
C02 67F M . -23.96 -0.89 9.68
ZN ZN N . -19.97 1.18 5.82
ZN ZN O . -11.28 9.25 11.43
CA CA P . -3.10 1.10 9.82
CA CA Q . -19.54 8.35 24.00
CA CA R . -21.97 11.06 14.95
C1 PGO S . -19.43 -6.32 0.04
C2 PGO S . -20.38 -7.51 -0.06
C3 PGO S . -21.14 -7.47 -1.39
O1 PGO S . -18.31 -6.55 -0.81
O2 PGO S . -21.27 -7.54 1.06
C1 DIO T . -13.62 8.12 4.01
C2 DIO T . -12.54 7.64 6.05
C1' DIO T . -13.39 6.73 3.45
C2' DIO T . -12.33 6.25 5.51
O1 DIO T . -13.74 8.06 5.44
O1' DIO T . -12.21 6.25 4.09
C1 DIO U . -19.93 -7.04 23.31
C2 DIO U . -22.13 -7.70 22.58
C1' DIO U . -19.36 -8.15 22.44
C2' DIO U . -21.47 -8.86 21.81
O1 DIO U . -21.21 -6.65 22.84
O1' DIO U . -20.28 -9.23 22.50
O42 67F V . 11.02 19.67 -27.26
C41 67F V . 9.99 20.04 -27.82
C43 67F V . 10.08 20.88 -29.06
N40 67F V . 8.76 19.66 -27.45
C31 67F V . 8.40 18.58 -26.52
C32 67F V . 8.70 17.22 -27.21
O39 67F V . 8.80 16.12 -26.29
C33 67F V . 7.65 16.87 -28.27
O38 67F V . 8.24 16.94 -29.58
C34 67F V . 6.43 17.80 -28.24
C36 67F V . 5.29 17.19 -29.04
O37 67F V . 5.74 17.07 -30.41
O35 67F V . 6.01 18.06 -26.89
C30 67F V . 6.94 18.79 -26.06
N29 67F V . 6.67 18.38 -24.68
C27 67F V . 5.55 18.71 -23.98
S28 67F V . 4.59 19.89 -24.41
N26 67F V . 5.14 17.84 -23.06
C25 67F V . 3.72 17.57 -22.80
C24 67F V . 3.07 16.88 -24.02
N16 67F V . 2.53 15.53 -23.67
C17 67F V . 1.34 15.71 -22.79
C21 67F V . -0.04 15.40 -23.38
C23 67F V . -1.16 15.64 -22.32
C22 67F V . -0.35 16.14 -24.69
C18 67F V . 1.43 15.04 -21.44
O20 67F V . 1.29 13.86 -21.28
O19 67F V . 1.50 15.75 -20.44
S13 67F V . 3.18 14.21 -24.21
O14 67F V . 2.35 13.61 -25.22
O15 67F V . 4.42 14.54 -24.85
C10 67F V . 3.64 13.12 -23.09
C09 67F V . 4.86 13.37 -22.44
C08 67F V . 5.36 12.52 -21.47
C11 67F V . 2.95 11.93 -22.74
C12 67F V . 3.46 11.06 -21.76
C07 67F V . 4.67 11.36 -21.10
C01 67F V . 5.35 10.50 -20.06
C06 67F V . 5.43 9.12 -20.24
C05 67F V . 6.09 8.29 -19.30
C04 67F V . 6.70 8.85 -18.16
C03 67F V . 6.64 10.23 -17.97
C02 67F V . 5.98 11.04 -18.93
ZN ZN W . 1.62 14.86 -18.88
ZN ZN X . -7.56 12.30 -27.89
CA CA Y . -14.76 9.41 -19.21
CA CA Z . 1.53 1.58 -33.36
CA CA AA . 3.10 11.22 -31.94
C1 EDO BA . 4.65 -3.88 -17.08
O1 EDO BA . 5.57 -3.89 -16.00
C2 EDO BA . 5.37 -3.57 -18.37
O2 EDO BA . 4.40 -3.53 -19.43
C1 DIO CA . -4.38 18.23 -23.37
C2 DIO CA . -6.25 17.54 -22.07
C1' DIO CA . -5.05 17.63 -24.61
C2' DIO CA . -6.75 16.72 -23.24
O1 DIO CA . -5.46 18.64 -22.52
O1' DIO CA . -5.76 16.48 -24.22
O42 67F DA . 14.81 10.67 33.63
C41 67F DA . 14.64 11.11 32.50
C43 67F DA . 13.39 11.94 32.29
N40 67F DA . 15.50 10.84 31.48
C31 67F DA . 15.40 11.25 30.06
C32 67F DA . 14.57 10.22 29.23
O39 67F DA . 13.16 10.47 29.28
C33 67F DA . 14.87 10.19 27.74
O38 67F DA . 14.25 9.02 27.19
C34 67F DA . 16.37 10.13 27.54
C36 67F DA . 16.79 9.87 26.10
O37 67F DA . 18.23 9.82 26.06
O35 67F DA . 16.91 11.36 28.05
C30 67F DA . 16.83 11.55 29.48
N29 67F DA . 17.42 12.89 29.77
C27 67F DA . 17.20 13.91 28.92
S28 67F DA . 18.43 14.77 28.40
N26 67F DA . 16.02 13.96 28.28
C25 67F DA . 15.83 14.30 26.89
C24 67F DA . 15.93 15.76 26.48
N16 67F DA . 14.76 16.11 25.64
C17 67F DA . 14.79 15.31 24.37
C21 67F DA . 13.85 14.11 24.13
C23 67F DA . 12.59 14.00 24.97
C22 67F DA . 13.63 13.78 22.62
C18 67F DA . 15.01 16.22 23.23
O20 67F DA . 14.17 17.00 22.78
O19 67F DA . 16.12 16.11 22.73
S13 67F DA . 13.88 17.29 26.15
O14 67F DA . 12.45 17.23 26.11
O15 67F DA . 14.16 17.24 27.57
C10 67F DA . 14.41 18.71 25.54
C09 67F DA . 13.66 19.51 24.63
C08 67F DA . 14.20 20.70 24.16
C11 67F DA . 15.68 19.18 25.94
C12 67F DA . 16.20 20.38 25.45
C07 67F DA . 15.48 21.15 24.54
C01 67F DA . 16.06 22.44 24.04
C06 67F DA . 17.43 22.56 23.73
C05 67F DA . 17.98 23.77 23.28
C04 67F DA . 17.18 24.90 23.13
C03 67F DA . 15.82 24.80 23.40
C02 67F DA . 15.27 23.60 23.87
ZN ZN EA . 17.09 16.99 21.65
ZN ZN FA . 4.97 11.86 21.05
CA CA GA . 5.62 12.18 9.53
CA CA HA . 0.01 23.94 28.39
CA CA IA . 6.90 17.50 30.70
S DMS JA . 12.24 9.66 20.96
O DMS JA . 12.88 10.94 20.56
C1 DMS JA . 10.53 9.76 20.88
C2 DMS JA . 12.54 8.46 19.78
#